data_3GXP
#
_entry.id   3GXP
#
_cell.length_a   89.510
_cell.length_b   89.510
_cell.length_c   215.927
_cell.angle_alpha   90.000
_cell.angle_beta   90.000
_cell.angle_gamma   120.000
#
_symmetry.space_group_name_H-M   'P 32 2 1'
#
loop_
_entity.id
_entity.type
_entity.pdbx_description
1 polymer 'Alpha-galactosidase A'
2 branched alpha-D-mannopyranose-(1-4)-2-acetamido-2-deoxy-beta-D-glucopyranose-(1-4)-2-acetamido-2-deoxy-beta-D-glucopyranose
3 branched 2-acetamido-2-deoxy-beta-D-glucopyranose-(1-4)-2-acetamido-2-deoxy-beta-D-glucopyranose
4 non-polymer 'SULFATE ION'
5 non-polymer alpha-D-galactopyranose
6 non-polymer TRIS(HYDROXYETHYL)AMINOMETHANE
7 non-polymer 2-acetamido-2-deoxy-beta-D-glucopyranose
8 non-polymer alpha-D-mannopyranose
9 water water
#
_entity_poly.entity_id   1
_entity_poly.type   'polypeptide(L)'
_entity_poly.pdbx_seq_one_letter_code
;LDNGLARTPTMGWLHWERFMCNLDCQEEPDSCISEKLFMEMAELMVSEGWKDAGYEYLCIDDCWMAPQRDSEGRLQADPQ
RFPHGIRQLANYVHSKGLKLGIYADVGNKTCAGFPGSFGYYDIDAQTFADWGVDLLKFDGCYCDSLENLADGYKHMSLAL
NRTGRSIVYSCEWPLYMWPFQKPNYTEIRQYCNHWRNFADIDDSWKSIKSILDWTSFNQERIVDVAGPGGWNDPDMLVIG
NFGLSWNQQVTQMALWAIMAAPLFMSNDLRHISPQAKALLQDKDVIAINQDPLGKQGYQLRQGDNFEVWERPLSGLAWAV
AMINRQEIGGPRSYTIAVASLGKGVACNPACFITQLLPVKRKLGFYEWTSRLRSHINPTGTVLLQLENTMQMSLKDLL
;
_entity_poly.pdbx_strand_id   A,B
#
loop_
_chem_comp.id
_chem_comp.type
_chem_comp.name
_chem_comp.formula
GLA D-saccharide, alpha linking alpha-D-galactopyranose 'C6 H12 O6'
MAN D-saccharide, alpha linking alpha-D-mannopyranose 'C6 H12 O6'
NAG D-saccharide, beta linking 2-acetamido-2-deoxy-beta-D-glucopyranose 'C8 H15 N O6'
SO4 non-polymer 'SULFATE ION' 'O4 S -2'
TAM non-polymer TRIS(HYDROXYETHYL)AMINOMETHANE 'C7 H17 N O3'
#
# COMPACT_ATOMS: atom_id res chain seq x y z
N LEU A 1 11.26 18.03 -28.24
CA LEU A 1 11.29 19.45 -28.63
C LEU A 1 12.70 20.02 -28.58
N ASP A 2 13.15 20.47 -29.74
CA ASP A 2 14.47 21.02 -29.93
C ASP A 2 14.54 22.50 -29.44
N ASN A 3 14.12 22.76 -28.21
CA ASN A 3 14.17 24.08 -27.63
C ASN A 3 15.35 24.27 -26.65
N GLY A 4 16.23 23.28 -26.59
CA GLY A 4 17.38 23.34 -25.69
C GLY A 4 17.09 22.90 -24.26
N LEU A 5 15.85 22.50 -24.00
CA LEU A 5 15.41 22.24 -22.65
C LEU A 5 15.15 20.73 -22.44
N ALA A 6 14.96 20.32 -21.19
CA ALA A 6 14.69 18.92 -20.88
C ALA A 6 15.72 17.97 -21.49
N ARG A 7 16.99 18.38 -21.51
CA ARG A 7 17.99 17.46 -22.07
C ARG A 7 18.08 16.22 -21.17
N THR A 8 17.64 16.34 -19.91
CA THR A 8 17.46 15.21 -19.01
C THR A 8 16.04 15.31 -18.48
N PRO A 9 15.45 14.21 -18.02
CA PRO A 9 14.06 14.44 -17.58
C PRO A 9 13.85 15.61 -16.56
N THR A 10 12.80 16.42 -16.73
CA THR A 10 12.52 17.52 -15.81
C THR A 10 12.29 17.01 -14.40
N MET A 11 12.86 17.74 -13.44
CA MET A 11 12.68 17.57 -12.01
C MET A 11 12.05 18.79 -11.34
N GLY A 12 10.98 18.54 -10.58
CA GLY A 12 10.46 19.52 -9.64
C GLY A 12 9.35 19.00 -8.79
N TRP A 13 8.35 19.85 -8.58
CA TRP A 13 7.25 19.58 -7.62
C TRP A 13 6.03 20.14 -8.29
N LEU A 14 4.91 19.41 -8.16
CA LEU A 14 3.66 19.74 -8.86
C LEU A 14 2.48 19.43 -7.94
N HIS A 15 1.61 20.44 -7.70
CA HIS A 15 0.61 20.38 -6.66
C HIS A 15 -0.54 19.38 -6.82
N TRP A 16 -0.91 18.98 -8.03
CA TRP A 16 -2.21 18.31 -8.21
C TRP A 16 -2.54 17.07 -7.35
N GLU A 17 -1.67 16.05 -7.30
CA GLU A 17 -2.11 14.75 -6.73
C GLU A 17 -2.42 14.92 -5.24
N ARG A 18 -1.58 15.69 -4.55
CA ARG A 18 -1.76 15.91 -3.12
C ARG A 18 -2.70 17.07 -2.75
N PHE A 19 -2.73 18.13 -3.55
CA PHE A 19 -3.56 19.28 -3.18
C PHE A 19 -4.76 19.47 -4.06
N MET A 20 -4.75 18.91 -5.27
CA MET A 20 -5.98 18.86 -6.09
C MET A 20 -6.57 20.24 -6.25
N CYS A 21 -7.90 20.32 -6.29
CA CYS A 21 -8.56 21.59 -6.54
C CYS A 21 -9.21 22.17 -5.27
N ASN A 22 -8.42 22.34 -4.21
CA ASN A 22 -8.98 22.79 -2.92
C ASN A 22 -9.16 24.32 -2.93
N LEU A 23 -10.38 24.80 -3.15
CA LEU A 23 -10.64 26.22 -3.21
C LEU A 23 -11.07 26.77 -1.86
N ASP A 24 -10.81 26.05 -0.77
CA ASP A 24 -11.39 26.42 0.54
C ASP A 24 -10.38 27.04 1.52
N CYS A 25 -10.06 28.30 1.32
CA CYS A 25 -8.92 28.84 2.02
C CYS A 25 -9.32 29.32 3.40
N GLN A 26 -10.63 29.50 3.62
CA GLN A 26 -11.14 29.90 4.96
C GLN A 26 -11.15 28.79 6.00
N GLU A 27 -11.49 27.57 5.58
CA GLU A 27 -11.51 26.43 6.47
C GLU A 27 -10.25 25.55 6.45
N GLU A 28 -9.52 25.56 5.34
CA GLU A 28 -8.21 24.87 5.23
C GLU A 28 -7.17 25.77 4.60
N PRO A 29 -6.73 26.80 5.34
CA PRO A 29 -5.85 27.80 4.71
C PRO A 29 -4.48 27.25 4.30
N ASP A 30 -4.04 26.16 4.95
CA ASP A 30 -2.69 25.64 4.70
C ASP A 30 -2.58 24.63 3.56
N SER A 31 -3.71 24.23 3.02
CA SER A 31 -3.71 23.23 1.99
C SER A 31 -4.52 23.67 0.75
N CYS A 32 -5.12 24.88 0.77
CA CYS A 32 -5.81 25.38 -0.42
C CYS A 32 -4.78 25.79 -1.49
N ILE A 33 -5.22 25.85 -2.75
CA ILE A 33 -4.40 26.35 -3.83
C ILE A 33 -4.30 27.88 -3.79
N SER A 34 -3.19 28.35 -3.23
CA SER A 34 -2.98 29.77 -2.96
C SER A 34 -1.50 30.09 -3.23
N GLU A 35 -1.17 31.38 -3.40
CA GLU A 35 0.24 31.72 -3.58
C GLU A 35 1.07 31.27 -2.36
N LYS A 36 0.46 31.30 -1.19
CA LYS A 36 1.12 30.87 0.03
C LYS A 36 1.64 29.43 -0.06
N LEU A 37 0.80 28.53 -0.58
CA LEU A 37 1.16 27.13 -0.63
C LEU A 37 2.42 27.04 -1.49
N PHE A 38 2.48 27.82 -2.55
CA PHE A 38 3.63 27.76 -3.44
C PHE A 38 4.90 28.35 -2.81
N MET A 39 4.75 29.46 -2.08
CA MET A 39 5.85 30.10 -1.37
C MET A 39 6.53 29.20 -0.32
N GLU A 40 5.71 28.57 0.51
CA GLU A 40 6.14 27.54 1.47
C GLU A 40 6.97 26.38 0.85
N MET A 41 6.46 25.81 -0.25
CA MET A 41 7.12 24.73 -0.94
C MET A 41 8.37 25.23 -1.58
N ALA A 42 8.36 26.46 -2.07
CA ALA A 42 9.55 27.04 -2.72
C ALA A 42 10.69 27.20 -1.72
N GLU A 43 10.41 27.71 -0.51
CA GLU A 43 11.49 27.81 0.48
C GLU A 43 11.90 26.47 1.05
N LEU A 44 11.01 25.51 1.02
CA LEU A 44 11.41 24.21 1.51
C LEU A 44 12.27 23.49 0.52
N MET A 45 11.95 23.59 -0.78
CA MET A 45 12.83 23.08 -1.88
C MET A 45 14.29 23.52 -1.78
N VAL A 46 14.50 24.78 -1.40
CA VAL A 46 15.83 25.29 -1.05
C VAL A 46 16.35 24.79 0.31
N SER A 47 15.55 24.94 1.39
CA SER A 47 16.10 24.72 2.75
C SER A 47 16.28 23.23 3.14
N GLU A 48 15.52 22.37 2.48
CA GLU A 48 15.54 20.95 2.79
C GLU A 48 16.28 20.11 1.75
N GLY A 49 17.06 20.78 0.88
CA GLY A 49 17.98 20.10 -0.04
C GLY A 49 17.42 19.53 -1.35
N TRP A 50 16.14 19.81 -1.63
CA TRP A 50 15.46 19.40 -2.84
C TRP A 50 16.16 19.93 -4.08
N LYS A 51 16.53 21.21 -4.04
CA LYS A 51 17.09 21.89 -5.21
C LYS A 51 18.54 21.43 -5.49
N ASP A 52 19.34 21.28 -4.42
CA ASP A 52 20.65 20.61 -4.51
C ASP A 52 20.49 19.24 -5.13
N ALA A 53 19.41 18.54 -4.82
CA ALA A 53 19.22 17.23 -5.38
C ALA A 53 18.78 17.28 -6.83
N GLY A 54 18.34 18.44 -7.29
CA GLY A 54 18.04 18.60 -8.72
C GLY A 54 16.57 18.91 -9.00
N TYR A 55 15.76 18.92 -7.95
CA TYR A 55 14.37 19.38 -8.09
C TYR A 55 14.30 20.91 -8.29
N GLU A 56 14.02 21.32 -9.52
CA GLU A 56 14.12 22.72 -9.90
C GLU A 56 12.82 23.45 -10.20
N TYR A 57 11.84 22.72 -10.71
CA TYR A 57 10.64 23.36 -11.24
C TYR A 57 9.52 23.28 -10.19
N LEU A 58 9.05 24.43 -9.73
CA LEU A 58 7.93 24.48 -8.83
C LEU A 58 6.71 24.83 -9.69
N CYS A 59 5.74 23.92 -9.73
CA CYS A 59 4.69 23.91 -10.75
C CYS A 59 3.28 23.97 -10.20
N ILE A 60 2.51 24.89 -10.76
CA ILE A 60 1.12 25.09 -10.45
C ILE A 60 0.33 24.21 -11.42
N ASP A 61 -0.55 23.36 -10.90
CA ASP A 61 -1.41 22.56 -11.77
C ASP A 61 -2.71 23.36 -11.90
N ASP A 62 -3.83 22.66 -12.08
CA ASP A 62 -5.12 23.30 -12.32
C ASP A 62 -5.54 24.07 -11.06
N CYS A 63 -6.60 24.86 -11.22
CA CYS A 63 -7.24 25.66 -10.18
C CYS A 63 -6.49 26.89 -9.67
N TRP A 64 -5.76 27.56 -10.54
CA TRP A 64 -5.15 28.79 -10.13
C TRP A 64 -5.87 30.02 -10.71
N MET A 65 -6.71 29.82 -11.72
CA MET A 65 -7.11 30.95 -12.56
C MET A 65 -8.32 31.62 -11.95
N ALA A 66 -8.40 32.94 -12.12
CA ALA A 66 -9.66 33.64 -11.90
C ALA A 66 -10.67 33.10 -12.94
N PRO A 67 -11.98 33.21 -12.63
CA PRO A 67 -13.04 32.56 -13.41
C PRO A 67 -13.23 33.11 -14.81
N GLN A 68 -12.91 34.38 -15.02
CA GLN A 68 -12.85 34.92 -16.39
C GLN A 68 -11.54 35.67 -16.72
N ARG A 69 -11.39 36.01 -18.01
CA ARG A 69 -10.25 36.77 -18.54
C ARG A 69 -10.40 38.28 -18.30
N ASP A 70 -9.27 38.99 -18.37
CA ASP A 70 -9.24 40.44 -18.15
C ASP A 70 -9.72 41.23 -19.38
N SER A 71 -9.86 42.55 -19.26
CA SER A 71 -10.59 43.27 -20.28
C SER A 71 -9.86 43.22 -21.60
N GLU A 72 -8.58 42.88 -21.51
CA GLU A 72 -7.71 42.81 -22.68
C GLU A 72 -7.52 41.36 -23.19
N GLY A 73 -8.22 40.40 -22.58
CA GLY A 73 -8.30 39.01 -23.08
C GLY A 73 -7.41 37.98 -22.39
N ARG A 74 -6.59 38.47 -21.49
CA ARG A 74 -5.62 37.67 -20.77
C ARG A 74 -6.16 36.89 -19.55
N LEU A 75 -5.70 35.63 -19.45
CA LEU A 75 -5.91 34.86 -18.24
C LEU A 75 -5.46 35.73 -17.04
N GLN A 76 -6.06 35.49 -15.87
CA GLN A 76 -5.62 36.15 -14.67
C GLN A 76 -5.70 35.12 -13.57
N ALA A 77 -4.74 35.20 -12.66
CA ALA A 77 -4.75 34.43 -11.45
C ALA A 77 -5.91 34.84 -10.50
N ASP A 78 -6.27 33.94 -9.59
CA ASP A 78 -7.49 34.19 -8.82
C ASP A 78 -7.23 35.26 -7.76
N PRO A 79 -8.07 36.34 -7.71
CA PRO A 79 -7.61 37.48 -6.91
C PRO A 79 -7.51 37.28 -5.40
N GLN A 80 -8.25 36.31 -4.84
CA GLN A 80 -8.24 36.06 -3.39
C GLN A 80 -7.13 35.07 -3.02
N ARG A 81 -6.95 34.06 -3.86
CA ARG A 81 -5.98 33.00 -3.58
C ARG A 81 -4.61 33.29 -4.16
N PHE A 82 -4.55 34.21 -5.13
CA PHE A 82 -3.31 34.64 -5.78
C PHE A 82 -3.28 36.17 -5.90
N PRO A 83 -3.35 36.90 -4.76
CA PRO A 83 -3.56 38.38 -4.86
C PRO A 83 -2.44 39.13 -5.58
N HIS A 84 -1.24 38.53 -5.60
CA HIS A 84 -0.07 39.20 -6.15
C HIS A 84 0.17 38.90 -7.61
N GLY A 85 -0.61 38.00 -8.20
CA GLY A 85 -0.44 37.65 -9.61
C GLY A 85 0.64 36.60 -9.83
N ILE A 86 0.58 35.89 -10.94
CA ILE A 86 1.59 34.90 -11.26
C ILE A 86 3.00 35.48 -11.51
N ARG A 87 3.08 36.70 -12.02
CA ARG A 87 4.42 37.24 -12.31
C ARG A 87 5.25 37.40 -11.02
N GLN A 88 4.57 37.85 -9.97
CA GLN A 88 5.25 38.21 -8.73
C GLN A 88 5.68 36.91 -8.03
N LEU A 89 4.84 35.87 -8.16
CA LEU A 89 5.17 34.55 -7.63
C LEU A 89 6.40 34.07 -8.37
N ALA A 90 6.41 34.34 -9.67
CA ALA A 90 7.52 33.94 -10.53
C ALA A 90 8.78 34.69 -10.08
N ASN A 91 8.67 36.00 -9.92
CA ASN A 91 9.77 36.76 -9.35
C ASN A 91 10.35 36.10 -8.13
N TYR A 92 9.44 35.62 -7.29
CA TYR A 92 9.78 35.12 -5.97
C TYR A 92 10.46 33.75 -6.04
N VAL A 93 9.87 32.84 -6.81
CA VAL A 93 10.45 31.53 -7.04
C VAL A 93 11.85 31.68 -7.70
N HIS A 94 11.97 32.62 -8.64
CA HIS A 94 13.24 32.90 -9.30
C HIS A 94 14.31 33.29 -8.29
N SER A 95 13.90 34.14 -7.31
CA SER A 95 14.80 34.68 -6.28
C SER A 95 15.51 33.56 -5.49
N LYS A 96 14.88 32.39 -5.42
CA LYS A 96 15.36 31.26 -4.61
C LYS A 96 16.21 30.34 -5.48
N GLY A 97 16.51 30.78 -6.69
CA GLY A 97 17.10 29.96 -7.72
C GLY A 97 16.18 28.90 -8.34
N LEU A 98 14.88 29.00 -8.10
CA LEU A 98 13.97 28.03 -8.73
C LEU A 98 13.33 28.58 -10.03
N LYS A 99 12.67 27.69 -10.75
CA LYS A 99 11.92 27.99 -11.94
C LYS A 99 10.44 27.62 -11.70
N LEU A 100 9.53 28.42 -12.26
CA LEU A 100 8.08 28.24 -12.02
C LEU A 100 7.35 27.60 -13.21
N GLY A 101 6.56 26.56 -12.95
CA GLY A 101 5.62 26.06 -13.95
C GLY A 101 4.20 26.52 -13.71
N ILE A 102 3.40 26.52 -14.77
CA ILE A 102 1.99 26.87 -14.66
C ILE A 102 1.20 25.86 -15.51
N TYR A 103 -0.13 25.91 -15.51
CA TYR A 103 -0.95 24.86 -16.14
C TYR A 103 -2.04 25.52 -16.97
N ALA A 104 -2.24 25.03 -18.19
CA ALA A 104 -3.39 25.46 -19.01
C ALA A 104 -4.01 24.29 -19.79
N ASP A 105 -5.09 24.55 -20.51
CA ASP A 105 -5.76 23.52 -21.31
C ASP A 105 -5.92 23.92 -22.79
N VAL A 106 -5.55 22.99 -23.68
CA VAL A 106 -5.71 23.12 -25.17
C VAL A 106 -7.15 23.49 -25.58
N GLY A 107 -8.15 23.03 -24.82
CA GLY A 107 -9.56 23.15 -25.23
C GLY A 107 -10.27 24.39 -24.70
N ASN A 108 -11.58 24.31 -24.49
CA ASN A 108 -12.38 25.45 -24.07
C ASN A 108 -12.38 25.74 -22.57
N LYS A 109 -12.13 24.69 -21.78
CA LYS A 109 -11.97 24.81 -20.35
C LYS A 109 -10.86 23.86 -19.93
N THR A 110 -10.31 24.17 -18.75
CA THR A 110 -9.41 23.30 -18.02
C THR A 110 -10.23 22.17 -17.37
N CYS A 111 -9.60 21.06 -17.02
CA CYS A 111 -10.33 19.90 -16.55
C CYS A 111 -11.26 20.19 -15.36
N ALA A 112 -10.82 21.08 -14.46
CA ALA A 112 -11.66 21.57 -13.36
C ALA A 112 -12.76 22.56 -13.83
N GLY A 113 -12.71 23.03 -15.09
CA GLY A 113 -13.76 23.91 -15.64
C GLY A 113 -13.42 25.41 -15.69
N PHE A 114 -12.13 25.77 -15.60
CA PHE A 114 -11.69 27.18 -15.55
C PHE A 114 -11.28 27.51 -17.01
N PRO A 115 -11.08 28.80 -17.38
CA PRO A 115 -10.81 29.20 -18.81
C PRO A 115 -9.75 28.39 -19.60
N GLY A 116 -10.16 27.85 -20.75
CA GLY A 116 -9.27 27.10 -21.60
C GLY A 116 -8.59 28.10 -22.49
N SER A 117 -7.59 27.62 -23.23
CA SER A 117 -6.77 28.46 -24.07
C SER A 117 -7.19 28.40 -25.56
N PHE A 118 -8.23 27.63 -25.88
CA PHE A 118 -8.71 27.56 -27.27
C PHE A 118 -9.08 28.95 -27.70
N GLY A 119 -8.60 29.36 -28.87
CA GLY A 119 -8.84 30.70 -29.40
C GLY A 119 -7.88 31.72 -28.81
N TYR A 120 -7.02 31.31 -27.87
CA TYR A 120 -6.15 32.25 -27.17
C TYR A 120 -4.69 31.83 -27.06
N TYR A 121 -4.24 30.92 -27.94
CA TYR A 121 -2.92 30.27 -27.80
C TYR A 121 -1.79 31.29 -27.87
N ASP A 122 -1.88 32.20 -28.84
CA ASP A 122 -0.88 33.27 -29.04
C ASP A 122 -0.87 34.24 -27.86
N ILE A 123 -2.01 34.80 -27.49
CA ILE A 123 -2.03 35.66 -26.30
C ILE A 123 -1.60 34.94 -24.98
N ASP A 124 -2.06 33.70 -24.76
CA ASP A 124 -1.72 32.97 -23.54
C ASP A 124 -0.23 32.68 -23.39
N ALA A 125 0.41 32.26 -24.48
CA ALA A 125 1.85 32.02 -24.48
C ALA A 125 2.61 33.29 -24.10
N GLN A 126 2.20 34.41 -24.72
CA GLN A 126 2.83 35.70 -24.51
C GLN A 126 2.60 36.17 -23.07
N THR A 127 1.35 36.15 -22.62
CA THR A 127 1.02 36.33 -21.17
C THR A 127 1.96 35.51 -20.24
N PHE A 128 1.97 34.18 -20.36
CA PHE A 128 2.97 33.33 -19.66
C PHE A 128 4.43 33.80 -19.67
N ALA A 129 4.94 34.17 -20.85
CA ALA A 129 6.34 34.59 -20.97
C ALA A 129 6.59 35.93 -20.30
N ASP A 130 5.63 36.85 -20.51
CA ASP A 130 5.51 38.12 -19.78
C ASP A 130 5.54 37.96 -18.25
N TRP A 131 5.06 36.83 -17.74
CA TRP A 131 5.02 36.58 -16.29
C TRP A 131 6.31 35.95 -15.75
N GLY A 132 7.08 35.34 -16.65
CA GLY A 132 8.32 34.69 -16.31
C GLY A 132 8.12 33.20 -16.05
N VAL A 133 7.04 32.65 -16.62
CA VAL A 133 6.80 31.20 -16.53
C VAL A 133 7.90 30.42 -17.26
N ASP A 134 8.42 29.38 -16.62
CA ASP A 134 9.52 28.60 -17.20
C ASP A 134 9.03 27.23 -17.72
N LEU A 135 7.79 26.88 -17.38
CA LEU A 135 7.17 25.62 -17.84
C LEU A 135 5.64 25.73 -17.97
N LEU A 136 5.08 25.17 -19.05
CA LEU A 136 3.63 25.01 -19.22
C LEU A 136 3.24 23.55 -19.32
N LYS A 137 2.39 23.14 -18.39
CA LYS A 137 1.71 21.86 -18.49
C LYS A 137 0.37 22.12 -19.18
N PHE A 138 0.15 21.44 -20.31
CA PHE A 138 -0.98 21.77 -21.16
C PHE A 138 -1.92 20.58 -21.29
N ASP A 139 -3.12 20.73 -20.78
CA ASP A 139 -3.98 19.58 -20.58
C ASP A 139 -5.00 19.58 -21.73
N GLY A 140 -5.76 18.48 -21.94
CA GLY A 140 -6.57 18.30 -23.16
C GLY A 140 -8.09 18.11 -23.03
N CYS A 141 -8.65 18.39 -21.85
CA CYS A 141 -10.11 18.48 -21.60
C CYS A 141 -10.80 19.47 -22.47
N TYR A 142 -12.08 19.23 -22.69
CA TYR A 142 -12.99 20.19 -23.28
C TYR A 142 -12.44 20.65 -24.64
N CYS A 143 -12.25 19.66 -25.51
CA CYS A 143 -11.71 19.81 -26.85
C CYS A 143 -12.60 18.94 -27.73
N ASP A 144 -13.30 19.61 -28.68
CA ASP A 144 -14.09 19.07 -29.82
C ASP A 144 -13.68 17.75 -30.49
N SER A 145 -12.45 17.74 -31.01
CA SER A 145 -12.01 16.79 -32.05
C SER A 145 -10.52 16.49 -31.98
N LEU A 146 -10.09 15.48 -32.71
CA LEU A 146 -8.68 15.10 -32.71
C LEU A 146 -7.89 16.14 -33.48
N GLU A 147 -8.55 16.72 -34.48
CA GLU A 147 -8.00 17.84 -35.25
C GLU A 147 -7.60 19.03 -34.39
N ASN A 148 -8.53 19.48 -33.57
CA ASN A 148 -8.36 20.65 -32.74
C ASN A 148 -7.34 20.42 -31.65
N LEU A 149 -7.22 19.16 -31.26
CA LEU A 149 -6.32 18.74 -30.22
C LEU A 149 -4.92 18.90 -30.74
N ALA A 150 -4.68 18.32 -31.94
CA ALA A 150 -3.42 18.37 -32.65
C ALA A 150 -3.11 19.80 -33.10
N ASP A 151 -4.06 20.47 -33.72
CA ASP A 151 -3.89 21.86 -34.08
C ASP A 151 -3.47 22.75 -32.91
N GLY A 152 -4.08 22.54 -31.72
CA GLY A 152 -3.82 23.34 -30.51
C GLY A 152 -2.52 22.99 -29.79
N TYR A 153 -2.21 21.72 -29.66
CA TYR A 153 -0.89 21.34 -29.15
C TYR A 153 0.30 21.81 -30.03
N LYS A 154 0.15 21.72 -31.35
CA LYS A 154 1.10 22.30 -32.34
C LYS A 154 1.14 23.85 -32.22
N HIS A 155 0.00 24.51 -32.40
CA HIS A 155 -0.09 25.96 -32.27
C HIS A 155 0.54 26.53 -31.00
N MET A 156 0.27 25.93 -29.86
CA MET A 156 0.77 26.51 -28.63
C MET A 156 2.28 26.34 -28.55
N SER A 157 2.77 25.20 -29.04
CA SER A 157 4.18 24.89 -29.04
C SER A 157 4.90 25.97 -29.83
N LEU A 158 4.27 26.47 -30.90
CA LEU A 158 4.89 27.45 -31.78
C LEU A 158 4.71 28.87 -31.20
N ALA A 159 3.66 29.08 -30.42
CA ALA A 159 3.49 30.40 -29.83
C ALA A 159 4.59 30.61 -28.79
N LEU A 160 4.87 29.56 -28.02
CA LEU A 160 5.89 29.58 -26.98
C LEU A 160 7.30 29.87 -27.50
N ASN A 161 7.74 29.13 -28.53
CA ASN A 161 9.02 29.38 -29.20
C ASN A 161 9.18 30.87 -29.47
N ARG A 162 8.14 31.47 -30.02
CA ARG A 162 8.13 32.85 -30.52
C ARG A 162 8.13 33.93 -29.43
N THR A 163 7.78 33.58 -28.20
CA THR A 163 8.03 34.48 -27.09
C THR A 163 9.55 34.70 -26.98
N GLY A 164 10.34 33.75 -27.44
CA GLY A 164 11.77 33.82 -27.26
C GLY A 164 12.21 33.44 -25.86
N ARG A 165 11.24 33.18 -24.99
CA ARG A 165 11.51 32.65 -23.66
C ARG A 165 11.51 31.11 -23.68
N SER A 166 12.54 30.53 -23.04
CA SER A 166 12.59 29.11 -22.73
C SER A 166 11.54 28.66 -21.68
N ILE A 167 10.65 27.77 -22.14
CA ILE A 167 9.48 27.35 -21.40
C ILE A 167 9.39 25.82 -21.65
N VAL A 168 9.62 24.96 -20.63
CA VAL A 168 9.41 23.53 -20.82
C VAL A 168 7.95 23.30 -21.27
N TYR A 169 7.72 22.46 -22.29
CA TYR A 169 6.37 22.28 -22.80
C TYR A 169 5.91 20.85 -22.55
N SER A 170 4.98 20.70 -21.59
CA SER A 170 4.51 19.41 -21.08
C SER A 170 3.10 19.16 -21.63
N CYS A 171 2.88 17.98 -22.20
CA CYS A 171 1.75 17.83 -23.12
C CYS A 171 0.95 16.66 -22.70
N GLU A 172 -0.38 16.77 -22.76
CA GLU A 172 -1.18 15.62 -22.47
C GLU A 172 -1.81 15.08 -23.71
N TRP A 173 -1.27 15.51 -24.85
CA TRP A 173 -1.74 15.12 -26.18
C TRP A 173 -2.05 13.62 -26.35
N PRO A 174 -1.05 12.72 -26.12
CA PRO A 174 -1.26 11.28 -26.38
C PRO A 174 -2.36 10.64 -25.53
N LEU A 175 -2.40 10.98 -24.24
CA LEU A 175 -3.46 10.52 -23.35
C LEU A 175 -4.89 10.75 -23.91
N TYR A 176 -5.10 11.91 -24.54
CA TYR A 176 -6.45 12.31 -25.00
C TYR A 176 -6.73 11.74 -26.40
N MET A 177 -5.71 11.17 -27.01
CA MET A 177 -5.82 10.55 -28.33
C MET A 177 -6.28 9.10 -28.27
N TRP A 178 -5.59 8.28 -27.46
CA TRP A 178 -6.15 7.02 -27.02
C TRP A 178 -7.57 7.44 -26.37
N PRO A 179 -8.69 6.79 -26.74
CA PRO A 179 -9.06 5.59 -27.46
C PRO A 179 -9.77 5.94 -28.72
N PHE A 180 -9.21 6.89 -29.45
CA PHE A 180 -9.71 7.29 -30.74
C PHE A 180 -8.73 6.79 -31.81
N GLN A 181 -7.45 7.07 -31.65
CA GLN A 181 -6.37 6.50 -32.48
C GLN A 181 -5.00 6.45 -31.82
N LYS A 182 -4.12 5.63 -32.38
CA LYS A 182 -2.75 5.56 -31.90
C LYS A 182 -2.08 6.90 -32.17
N PRO A 183 -1.51 7.52 -31.12
CA PRO A 183 -0.76 8.78 -31.34
C PRO A 183 0.52 8.63 -32.18
N ASN A 184 0.80 9.64 -32.98
CA ASN A 184 2.11 9.61 -33.62
C ASN A 184 3.18 10.21 -32.75
N TYR A 185 3.94 9.33 -32.11
CA TYR A 185 4.95 9.74 -31.14
C TYR A 185 6.10 10.56 -31.73
N THR A 186 6.45 10.27 -32.98
CA THR A 186 7.52 10.98 -33.65
C THR A 186 7.06 12.42 -33.80
N GLU A 187 5.81 12.60 -34.20
CA GLU A 187 5.21 13.94 -34.22
C GLU A 187 5.11 14.61 -32.83
N ILE A 188 4.64 13.89 -31.83
CA ILE A 188 4.48 14.47 -30.52
C ILE A 188 5.81 15.02 -30.05
N ARG A 189 6.87 14.19 -30.09
CA ARG A 189 8.22 14.56 -29.68
C ARG A 189 8.73 15.88 -30.30
N GLN A 190 8.29 16.13 -31.52
CA GLN A 190 8.68 17.29 -32.29
C GLN A 190 8.14 18.60 -31.72
N TYR A 191 7.00 18.50 -31.06
CA TYR A 191 6.32 19.65 -30.52
C TYR A 191 6.42 19.77 -28.98
N CYS A 192 6.72 18.66 -28.27
CA CYS A 192 6.66 18.57 -26.79
C CYS A 192 7.97 18.19 -26.05
N ASN A 193 8.27 18.84 -24.93
CA ASN A 193 9.39 18.39 -24.06
C ASN A 193 9.14 17.08 -23.32
N HIS A 194 7.87 16.81 -23.00
CA HIS A 194 7.42 15.52 -22.51
C HIS A 194 5.92 15.33 -22.63
N TRP A 195 5.47 14.11 -22.41
CA TRP A 195 4.06 13.89 -22.73
C TRP A 195 3.44 12.82 -21.86
N ARG A 196 2.27 13.12 -21.31
CA ARG A 196 1.51 12.13 -20.51
C ARG A 196 0.81 11.09 -21.41
N ASN A 197 0.96 9.81 -21.06
CA ASN A 197 0.44 8.74 -21.96
C ASN A 197 -0.80 8.05 -21.45
N PHE A 198 -0.94 8.07 -20.12
CA PHE A 198 -1.84 7.17 -19.34
C PHE A 198 -2.54 8.00 -18.27
N ALA A 199 -3.57 7.39 -17.65
CA ALA A 199 -4.46 7.96 -16.60
C ALA A 199 -3.70 8.52 -15.40
N ASP A 200 -4.25 9.61 -14.88
CA ASP A 200 -3.75 10.25 -13.68
C ASP A 200 -3.38 9.24 -12.61
N ILE A 201 -2.19 9.39 -12.05
CA ILE A 201 -1.77 8.67 -10.83
C ILE A 201 -2.63 8.99 -9.61
N ASP A 202 -2.79 7.93 -8.76
CA ASP A 202 -3.38 7.89 -7.38
C ASP A 202 -2.28 7.72 -6.33
N ASP A 203 -2.62 8.06 -5.10
CA ASP A 203 -1.96 7.57 -3.90
C ASP A 203 -2.29 6.11 -3.62
N SER A 204 -1.80 5.22 -4.48
CA SER A 204 -2.16 3.79 -4.45
C SER A 204 -1.14 2.94 -5.23
N TRP A 205 -0.99 1.69 -4.80
CA TRP A 205 -0.11 0.70 -5.43
C TRP A 205 -0.83 0.20 -6.71
N LYS A 206 -2.16 0.11 -6.68
CA LYS A 206 -2.93 -0.22 -7.89
C LYS A 206 -2.58 0.70 -9.04
N SER A 207 -2.47 1.98 -8.76
CA SER A 207 -2.21 2.99 -9.79
C SER A 207 -0.82 2.83 -10.39
N ILE A 208 0.17 2.73 -9.51
CA ILE A 208 1.50 2.51 -9.94
C ILE A 208 1.60 1.26 -10.79
N LYS A 209 1.22 0.09 -10.28
CA LYS A 209 1.13 -1.12 -11.09
C LYS A 209 0.49 -0.91 -12.46
N SER A 210 -0.58 -0.13 -12.50
CA SER A 210 -1.25 0.01 -13.80
C SER A 210 -0.51 0.93 -14.76
N ILE A 211 0.27 1.85 -14.23
CA ILE A 211 1.18 2.68 -15.07
C ILE A 211 2.32 1.82 -15.58
N LEU A 212 2.98 1.12 -14.65
CA LEU A 212 4.02 0.15 -15.05
C LEU A 212 3.54 -0.82 -16.14
N ASP A 213 2.39 -1.45 -15.93
CA ASP A 213 1.83 -2.39 -16.86
C ASP A 213 1.50 -1.82 -18.22
N TRP A 214 0.95 -0.61 -18.23
CA TRP A 214 0.63 0.11 -19.47
C TRP A 214 1.85 0.46 -20.31
N THR A 215 2.87 0.97 -19.63
CA THR A 215 4.15 1.27 -20.24
C THR A 215 4.80 0.00 -20.79
N SER A 216 4.94 -1.04 -19.97
CA SER A 216 5.61 -2.23 -20.45
C SER A 216 4.81 -2.82 -21.62
N PHE A 217 3.47 -2.69 -21.61
CA PHE A 217 2.62 -3.16 -22.74
C PHE A 217 2.82 -2.44 -24.08
N ASN A 218 3.09 -1.14 -24.01
CA ASN A 218 3.20 -0.30 -25.21
C ASN A 218 4.64 0.16 -25.42
N GLN A 219 5.59 -0.61 -24.90
CA GLN A 219 6.94 -0.18 -24.87
C GLN A 219 7.55 -0.13 -26.29
N GLU A 220 7.12 -1.03 -27.19
CA GLU A 220 7.58 -1.00 -28.59
C GLU A 220 7.31 0.35 -29.26
N ARG A 221 6.23 1.03 -28.83
CA ARG A 221 5.79 2.28 -29.42
C ARG A 221 6.47 3.49 -28.87
N ILE A 222 6.92 3.44 -27.60
CA ILE A 222 7.26 4.68 -26.88
C ILE A 222 8.73 4.82 -26.43
N VAL A 223 9.42 3.68 -26.30
CA VAL A 223 10.73 3.65 -25.66
C VAL A 223 11.77 4.35 -26.51
N ASP A 224 11.82 4.02 -27.80
CA ASP A 224 12.88 4.53 -28.68
C ASP A 224 12.78 6.03 -28.98
N VAL A 225 11.57 6.58 -29.02
CA VAL A 225 11.31 8.00 -29.28
C VAL A 225 11.79 8.93 -28.15
N ALA A 226 11.78 8.42 -26.91
CA ALA A 226 12.29 9.16 -25.74
C ALA A 226 13.80 9.45 -25.91
N GLY A 227 14.23 10.60 -25.42
CA GLY A 227 15.62 10.92 -25.42
C GLY A 227 15.77 12.40 -25.16
N PRO A 228 17.03 12.90 -25.11
CA PRO A 228 17.18 14.27 -24.73
C PRO A 228 16.22 15.19 -25.47
N GLY A 229 15.50 16.04 -24.73
CA GLY A 229 14.53 16.94 -25.32
C GLY A 229 13.08 16.46 -25.32
N GLY A 230 12.83 15.18 -25.09
CA GLY A 230 11.49 14.61 -25.31
C GLY A 230 11.36 13.28 -24.55
N TRP A 231 10.48 13.26 -23.52
CA TRP A 231 10.32 12.13 -22.59
C TRP A 231 8.88 11.61 -22.47
N ASN A 232 8.73 10.29 -22.32
CA ASN A 232 7.46 9.79 -21.82
C ASN A 232 7.21 10.20 -20.39
N ASP A 233 5.97 10.58 -20.10
CA ASP A 233 5.68 11.02 -18.76
C ASP A 233 4.66 10.04 -18.16
N PRO A 234 5.08 9.22 -17.16
CA PRO A 234 4.22 8.26 -16.43
C PRO A 234 3.48 8.91 -15.21
N ASP A 235 3.54 10.23 -15.11
CA ASP A 235 2.90 11.05 -14.07
C ASP A 235 3.79 11.19 -12.81
N MET A 236 3.18 11.86 -11.83
CA MET A 236 3.84 12.42 -10.65
C MET A 236 4.34 11.30 -9.76
N LEU A 237 5.44 11.59 -9.07
CA LEU A 237 5.91 10.80 -7.93
C LEU A 237 5.00 11.09 -6.75
N VAL A 238 4.51 10.03 -6.10
CA VAL A 238 3.63 10.14 -4.95
C VAL A 238 4.29 9.66 -3.62
N ILE A 239 5.61 9.50 -3.62
CA ILE A 239 6.31 9.02 -2.47
C ILE A 239 6.18 10.17 -1.45
N GLY A 240 5.92 9.86 -0.19
CA GLY A 240 5.86 10.86 0.85
C GLY A 240 4.44 11.12 1.31
N ASN A 241 3.50 10.52 0.57
CA ASN A 241 2.08 10.61 0.92
C ASN A 241 1.55 9.48 1.82
N PHE A 242 0.44 8.86 1.45
CA PHE A 242 -0.34 8.09 2.45
C PHE A 242 -0.54 6.66 2.05
N GLY A 243 -0.48 6.34 0.74
CA GLY A 243 -1.00 5.05 0.25
C GLY A 243 -0.04 3.95 -0.17
N LEU A 244 1.26 4.25 -0.12
CA LEU A 244 2.27 3.32 -0.60
C LEU A 244 3.12 2.86 0.54
N SER A 245 3.40 1.57 0.62
CA SER A 245 4.30 1.05 1.62
C SER A 245 5.65 1.51 1.27
N TRP A 246 6.60 1.31 2.16
CA TRP A 246 8.03 1.60 1.83
C TRP A 246 8.50 0.96 0.53
N ASN A 247 8.20 -0.33 0.39
CA ASN A 247 8.55 -1.15 -0.74
C ASN A 247 7.89 -0.70 -2.04
N GLN A 248 6.67 -0.17 -1.97
CA GLN A 248 5.97 0.42 -3.13
C GLN A 248 6.53 1.79 -3.56
N GLN A 249 6.95 2.57 -2.57
CA GLN A 249 7.71 3.79 -2.81
C GLN A 249 9.05 3.48 -3.50
N VAL A 250 9.81 2.46 -3.06
CA VAL A 250 11.02 2.13 -3.79
C VAL A 250 10.74 1.74 -5.22
N THR A 251 9.75 0.86 -5.40
CA THR A 251 9.33 0.53 -6.74
C THR A 251 9.11 1.78 -7.58
N GLN A 252 8.39 2.79 -7.09
CA GLN A 252 8.10 3.96 -7.91
C GLN A 252 9.42 4.72 -8.14
N MET A 253 10.23 4.91 -7.10
CA MET A 253 11.48 5.62 -7.36
C MET A 253 12.39 4.93 -8.41
N ALA A 254 12.57 3.62 -8.28
CA ALA A 254 13.42 2.79 -9.18
C ALA A 254 12.91 2.84 -10.58
N LEU A 255 11.59 2.69 -10.74
CA LEU A 255 11.00 2.52 -12.09
C LEU A 255 10.95 3.80 -12.88
N TRP A 256 10.63 4.90 -12.21
CA TRP A 256 10.75 6.23 -12.78
C TRP A 256 12.21 6.54 -13.19
N ALA A 257 13.19 5.95 -12.52
CA ALA A 257 14.59 6.09 -12.98
C ALA A 257 14.87 5.30 -14.28
N ILE A 258 14.33 4.09 -14.37
CA ILE A 258 14.56 3.18 -15.48
C ILE A 258 13.85 3.79 -16.68
N MET A 259 12.64 4.28 -16.42
CA MET A 259 11.87 4.84 -17.52
C MET A 259 12.35 6.23 -18.00
N ALA A 260 13.41 6.82 -17.42
CA ALA A 260 13.82 8.20 -17.72
C ALA A 260 12.61 9.16 -17.72
N ALA A 261 11.91 9.20 -16.59
CA ALA A 261 10.64 9.84 -16.46
C ALA A 261 10.91 11.22 -15.86
N PRO A 262 10.14 12.27 -16.25
CA PRO A 262 10.21 13.49 -15.39
C PRO A 262 9.94 13.11 -13.95
N LEU A 263 10.65 13.74 -13.00
CA LEU A 263 10.39 13.55 -11.57
C LEU A 263 9.72 14.75 -10.98
N PHE A 264 8.39 14.79 -11.07
CA PHE A 264 7.57 15.74 -10.35
C PHE A 264 6.95 15.16 -9.05
N MET A 265 7.53 15.54 -7.90
CA MET A 265 6.94 15.20 -6.57
C MET A 265 5.62 15.87 -6.51
N SER A 266 4.64 15.13 -6.00
CA SER A 266 3.38 15.72 -5.56
C SER A 266 3.11 15.28 -4.17
N ASN A 267 3.50 16.10 -3.20
CA ASN A 267 3.57 15.70 -1.80
C ASN A 267 3.57 16.96 -0.94
N ASP A 268 3.47 16.81 0.38
CA ASP A 268 3.57 17.92 1.29
C ASP A 268 5.01 18.01 1.81
N LEU A 269 5.76 18.96 1.24
CA LEU A 269 7.12 19.22 1.64
C LEU A 269 7.23 19.59 3.11
N ARG A 270 6.12 20.09 3.71
CA ARG A 270 6.11 20.49 5.10
C ARG A 270 6.03 19.28 6.01
N HIS A 271 5.54 18.16 5.48
CA HIS A 271 5.32 16.96 6.28
C HIS A 271 5.65 15.73 5.47
N ILE A 272 6.89 15.29 5.62
CA ILE A 272 7.43 14.19 4.88
C ILE A 272 8.44 13.47 5.78
N SER A 273 8.38 12.14 5.79
CA SER A 273 9.23 11.36 6.68
C SER A 273 10.70 11.45 6.24
N PRO A 274 11.62 11.25 7.18
CA PRO A 274 13.04 11.18 6.85
C PRO A 274 13.38 10.13 5.78
N GLN A 275 12.76 8.95 5.84
CA GLN A 275 12.98 7.83 4.95
C GLN A 275 12.55 8.16 3.53
N ALA A 276 11.39 8.81 3.44
CA ALA A 276 10.83 9.28 2.17
C ALA A 276 11.65 10.42 1.60
N LYS A 277 12.25 11.27 2.45
CA LYS A 277 13.18 12.30 1.92
C LYS A 277 14.48 11.70 1.35
N ALA A 278 15.06 10.69 1.99
CA ALA A 278 16.29 10.06 1.50
C ALA A 278 16.13 9.25 0.21
N LEU A 279 14.96 8.65 0.03
CA LEU A 279 14.58 8.00 -1.21
C LEU A 279 14.51 8.99 -2.37
N LEU A 280 13.66 10.01 -2.22
CA LEU A 280 13.43 11.03 -3.23
C LEU A 280 14.71 11.78 -3.58
N GLN A 281 15.63 11.86 -2.62
CA GLN A 281 16.88 12.60 -2.78
C GLN A 281 18.09 11.66 -2.97
N ASP A 282 17.82 10.37 -3.21
CA ASP A 282 18.87 9.34 -3.38
C ASP A 282 19.72 9.72 -4.59
N LYS A 283 20.96 10.18 -4.37
CA LYS A 283 21.82 10.77 -5.37
C LYS A 283 22.10 9.83 -6.55
N ASP A 284 22.32 8.55 -6.22
CA ASP A 284 22.72 7.51 -7.13
C ASP A 284 21.58 7.08 -8.03
N VAL A 285 20.40 7.08 -7.46
CA VAL A 285 19.17 6.84 -8.19
C VAL A 285 18.75 8.05 -9.07
N ILE A 286 18.88 9.28 -8.53
CA ILE A 286 18.65 10.48 -9.38
C ILE A 286 19.64 10.45 -10.52
N ALA A 287 20.88 10.02 -10.28
CA ALA A 287 21.86 9.91 -11.38
C ALA A 287 21.46 8.96 -12.49
N ILE A 288 20.85 7.84 -12.19
CA ILE A 288 20.15 7.03 -13.18
C ILE A 288 19.06 7.74 -13.98
N ASN A 289 18.08 8.27 -13.33
CA ASN A 289 17.05 9.06 -14.03
C ASN A 289 17.68 10.09 -14.94
N GLN A 290 18.79 10.70 -14.47
CA GLN A 290 19.40 11.90 -15.12
C GLN A 290 20.53 11.59 -16.08
N ASP A 291 20.76 10.31 -16.34
CA ASP A 291 21.83 9.88 -17.20
C ASP A 291 21.83 10.69 -18.52
N PRO A 292 22.98 11.33 -18.85
CA PRO A 292 22.99 12.23 -20.02
C PRO A 292 22.72 11.58 -21.39
N LEU A 293 22.90 10.26 -21.52
CA LEU A 293 22.59 9.55 -22.76
C LEU A 293 21.09 9.60 -23.00
N GLY A 294 20.29 9.54 -21.92
CA GLY A 294 18.84 9.72 -22.06
C GLY A 294 18.13 8.62 -22.85
N LYS A 295 18.64 7.39 -22.80
CA LYS A 295 17.88 6.28 -23.39
C LYS A 295 16.97 5.60 -22.34
N GLN A 296 15.67 5.59 -22.65
CA GLN A 296 14.68 5.04 -21.79
C GLN A 296 14.93 3.54 -21.62
N GLY A 297 14.82 3.03 -20.39
CA GLY A 297 14.89 1.62 -20.14
C GLY A 297 13.59 0.97 -20.58
N TYR A 298 13.51 -0.33 -20.41
CA TYR A 298 12.34 -1.08 -20.88
C TYR A 298 12.18 -2.35 -20.04
N GLN A 299 11.10 -3.08 -20.26
CA GLN A 299 10.98 -4.36 -19.58
C GLN A 299 11.69 -5.50 -20.34
N LEU A 300 12.61 -6.18 -19.67
CA LEU A 300 13.30 -7.27 -20.30
C LEU A 300 12.48 -8.57 -20.29
N ARG A 301 11.84 -8.83 -19.16
CA ARG A 301 11.42 -10.15 -18.75
C ARG A 301 10.24 -9.95 -17.80
N GLN A 302 9.33 -10.90 -17.80
CA GLN A 302 8.14 -10.91 -16.95
C GLN A 302 7.80 -12.38 -16.85
N GLY A 303 7.61 -12.88 -15.62
CA GLY A 303 7.31 -14.31 -15.42
C GLY A 303 7.38 -14.64 -13.96
N ASP A 304 6.54 -15.63 -13.59
CA ASP A 304 6.47 -16.20 -12.26
C ASP A 304 6.37 -15.08 -11.20
N ASN A 305 5.55 -14.07 -11.55
CA ASN A 305 5.27 -12.89 -10.73
C ASN A 305 6.47 -12.01 -10.39
N PHE A 306 7.51 -12.07 -11.23
CA PHE A 306 8.67 -11.15 -11.18
C PHE A 306 8.67 -10.43 -12.53
N GLU A 307 9.19 -9.19 -12.54
CA GLU A 307 9.63 -8.44 -13.74
C GLU A 307 11.12 -8.04 -13.67
N VAL A 308 11.78 -7.96 -14.83
CA VAL A 308 13.13 -7.40 -14.91
C VAL A 308 13.09 -6.29 -15.92
N TRP A 309 13.56 -5.12 -15.51
CA TRP A 309 13.62 -3.98 -16.39
C TRP A 309 15.07 -3.59 -16.46
N GLU A 310 15.49 -2.95 -17.55
CA GLU A 310 16.87 -2.49 -17.63
C GLU A 310 16.96 -1.19 -18.40
N ARG A 311 17.97 -0.38 -18.10
CA ARG A 311 18.22 0.83 -18.88
C ARG A 311 19.70 0.96 -19.28
N PRO A 312 19.99 1.31 -20.59
CA PRO A 312 21.38 1.60 -20.98
C PRO A 312 21.83 2.96 -20.49
N LEU A 313 23.09 3.07 -20.09
CA LEU A 313 23.55 4.34 -19.49
C LEU A 313 24.83 4.74 -20.13
N SER A 314 25.21 6.01 -19.94
CA SER A 314 26.53 6.46 -20.31
C SER A 314 27.62 5.52 -19.79
N GLY A 315 28.67 5.47 -20.63
CA GLY A 315 29.88 4.83 -20.32
C GLY A 315 29.76 3.32 -20.12
N LEU A 316 28.88 2.66 -20.89
CA LEU A 316 28.83 1.18 -20.89
C LEU A 316 28.24 0.59 -19.63
N ALA A 317 27.60 1.44 -18.82
CA ALA A 317 26.90 1.00 -17.65
C ALA A 317 25.44 0.71 -18.03
N TRP A 318 24.80 -0.09 -17.19
CA TRP A 318 23.39 -0.41 -17.27
C TRP A 318 22.79 -0.30 -15.88
N ALA A 319 21.48 -0.08 -15.82
CA ALA A 319 20.71 -0.19 -14.58
C ALA A 319 19.73 -1.32 -14.81
N VAL A 320 19.52 -2.13 -13.77
CA VAL A 320 18.62 -3.31 -13.79
C VAL A 320 17.70 -3.23 -12.59
N ALA A 321 16.41 -3.38 -12.87
CA ALA A 321 15.38 -3.36 -11.80
C ALA A 321 14.60 -4.68 -11.80
N MET A 322 14.46 -5.29 -10.62
CA MET A 322 13.83 -6.57 -10.44
C MET A 322 12.66 -6.30 -9.45
N ILE A 323 11.43 -6.46 -9.93
CA ILE A 323 10.23 -6.23 -9.16
C ILE A 323 9.62 -7.55 -8.81
N ASN A 324 9.27 -7.70 -7.54
CA ASN A 324 8.42 -8.79 -7.06
C ASN A 324 6.91 -8.45 -7.07
N ARG A 325 6.15 -9.09 -7.94
CA ARG A 325 4.74 -8.69 -8.05
C ARG A 325 3.77 -9.62 -7.32
N GLN A 326 4.33 -10.65 -6.63
CA GLN A 326 3.55 -11.54 -5.83
C GLN A 326 3.21 -10.85 -4.48
N GLU A 327 1.91 -10.72 -4.17
CA GLU A 327 1.43 -9.94 -2.97
C GLU A 327 1.11 -10.78 -1.73
N ILE A 328 1.93 -11.77 -1.43
CA ILE A 328 1.70 -12.71 -0.36
C ILE A 328 3.07 -13.30 -0.09
N GLY A 329 3.34 -13.80 1.13
CA GLY A 329 4.68 -14.37 1.37
C GLY A 329 5.70 -13.33 1.82
N GLY A 330 6.97 -13.73 1.79
CA GLY A 330 8.07 -12.84 2.13
C GLY A 330 8.99 -12.57 1.00
N PRO A 331 10.23 -12.12 1.31
CA PRO A 331 11.14 -11.85 0.19
C PRO A 331 11.31 -13.13 -0.65
N ARG A 332 11.26 -12.99 -2.00
CA ARG A 332 11.29 -14.16 -2.88
C ARG A 332 12.56 -14.16 -3.76
N SER A 333 13.15 -15.32 -3.99
CA SER A 333 14.41 -15.45 -4.76
C SER A 333 14.23 -15.30 -6.28
N TYR A 334 14.96 -14.37 -6.90
CA TYR A 334 15.02 -14.28 -8.35
C TYR A 334 16.47 -14.49 -8.89
N THR A 335 16.64 -15.39 -9.85
CA THR A 335 17.96 -15.48 -10.43
C THR A 335 17.93 -15.34 -11.93
N ILE A 336 18.92 -14.65 -12.46
CA ILE A 336 19.07 -14.49 -13.90
C ILE A 336 20.55 -14.55 -14.28
N ALA A 337 20.88 -15.17 -15.44
CA ALA A 337 22.26 -15.12 -16.00
C ALA A 337 22.65 -13.68 -16.29
N VAL A 338 23.80 -13.21 -15.82
CA VAL A 338 24.26 -11.85 -16.18
C VAL A 338 24.49 -11.66 -17.71
N ALA A 339 24.84 -12.74 -18.42
CA ALA A 339 24.85 -12.78 -19.89
C ALA A 339 23.54 -12.28 -20.50
N SER A 340 22.44 -12.36 -19.76
CA SER A 340 21.13 -11.95 -20.28
C SER A 340 20.83 -10.47 -20.12
N LEU A 341 21.58 -9.82 -19.23
CA LEU A 341 21.45 -8.40 -18.94
C LEU A 341 22.21 -7.60 -19.96
N GLY A 342 21.78 -6.35 -20.16
CA GLY A 342 22.53 -5.37 -20.88
C GLY A 342 22.90 -5.80 -22.29
N LYS A 343 21.97 -6.58 -22.87
CA LYS A 343 21.99 -6.97 -24.26
C LYS A 343 23.09 -8.02 -24.45
N GLY A 344 23.60 -8.57 -23.36
CA GLY A 344 24.71 -9.51 -23.43
C GLY A 344 26.07 -8.84 -23.31
N VAL A 345 26.08 -7.52 -23.30
CA VAL A 345 27.34 -6.79 -23.25
C VAL A 345 27.73 -6.12 -21.90
N ALA A 346 26.78 -5.88 -21.01
CA ALA A 346 27.08 -5.39 -19.66
C ALA A 346 27.67 -6.65 -19.11
N CYS A 347 28.82 -6.62 -18.49
CA CYS A 347 29.21 -7.92 -17.92
C CYS A 347 29.90 -8.94 -18.79
N ASN A 348 30.11 -8.60 -20.07
CA ASN A 348 31.10 -9.24 -20.94
C ASN A 348 32.42 -8.41 -21.09
N PRO A 349 33.58 -8.92 -20.56
CA PRO A 349 33.84 -10.25 -19.95
C PRO A 349 33.35 -10.37 -18.53
N ALA A 350 33.16 -9.23 -17.87
CA ALA A 350 32.73 -9.14 -16.49
C ALA A 350 32.03 -7.78 -16.23
N CYS A 351 31.38 -7.66 -15.03
CA CYS A 351 30.94 -6.39 -14.57
C CYS A 351 30.99 -6.33 -13.03
N PHE A 352 31.08 -5.11 -12.49
CA PHE A 352 30.88 -4.87 -11.08
C PHE A 352 29.44 -4.36 -10.90
N ILE A 353 28.70 -5.09 -10.08
CA ILE A 353 27.32 -4.77 -9.75
C ILE A 353 27.22 -4.11 -8.39
N THR A 354 26.59 -2.96 -8.33
CA THR A 354 26.31 -2.42 -7.03
C THR A 354 24.80 -2.19 -6.88
N GLN A 355 24.21 -2.86 -5.90
CA GLN A 355 22.84 -2.57 -5.49
C GLN A 355 22.66 -1.17 -4.87
N LEU A 356 21.56 -0.53 -5.25
CA LEU A 356 21.26 0.84 -4.87
C LEU A 356 19.99 0.84 -4.03
N LEU A 357 19.05 -0.04 -4.36
CA LEU A 357 17.70 -0.04 -3.72
C LEU A 357 17.31 -1.49 -3.47
N PRO A 358 16.71 -1.81 -2.31
CA PRO A 358 16.26 -0.90 -1.25
C PRO A 358 17.38 -0.26 -0.37
N VAL A 359 18.58 -0.85 -0.40
CA VAL A 359 19.72 -0.33 0.37
C VAL A 359 20.92 -0.41 -0.53
N LYS A 360 21.84 0.53 -0.36
CA LYS A 360 23.08 0.56 -1.11
C LYS A 360 24.10 -0.49 -0.63
N ARG A 361 24.54 -1.32 -1.55
CA ARG A 361 25.51 -2.38 -1.20
C ARG A 361 26.25 -2.93 -2.44
N LYS A 362 27.59 -2.83 -2.37
CA LYS A 362 28.47 -3.26 -3.46
C LYS A 362 28.28 -4.75 -3.47
N LEU A 363 28.09 -5.37 -4.63
CA LEU A 363 27.82 -6.82 -4.62
C LEU A 363 29.02 -7.62 -5.08
N GLY A 364 29.92 -6.97 -5.83
CA GLY A 364 31.16 -7.59 -6.33
C GLY A 364 31.23 -7.71 -7.85
N PHE A 365 32.17 -8.54 -8.32
CA PHE A 365 32.35 -8.83 -9.74
C PHE A 365 31.61 -10.07 -10.21
N TYR A 366 31.11 -10.03 -11.46
CA TYR A 366 30.35 -11.09 -12.11
C TYR A 366 30.94 -11.35 -13.49
N GLU A 367 31.45 -12.57 -13.68
CA GLU A 367 31.97 -12.94 -14.99
C GLU A 367 30.78 -13.05 -15.91
N TRP A 368 31.05 -13.15 -17.21
CA TRP A 368 30.01 -13.29 -18.20
C TRP A 368 29.20 -14.55 -17.95
N THR A 369 29.80 -15.56 -17.35
CA THR A 369 29.14 -16.84 -17.09
C THR A 369 28.27 -16.88 -15.83
N SER A 370 28.14 -15.73 -15.14
CA SER A 370 27.55 -15.68 -13.77
C SER A 370 26.04 -15.50 -13.76
N ARG A 371 25.41 -15.81 -12.61
CA ARG A 371 24.01 -15.52 -12.40
C ARG A 371 23.89 -14.57 -11.24
N LEU A 372 23.05 -13.57 -11.43
CA LEU A 372 22.73 -12.67 -10.39
C LEU A 372 21.55 -13.30 -9.61
N ARG A 373 21.72 -13.43 -8.28
CA ARG A 373 20.61 -13.87 -7.42
C ARG A 373 20.27 -12.83 -6.38
N SER A 374 18.98 -12.47 -6.32
CA SER A 374 18.48 -11.58 -5.27
C SER A 374 17.21 -12.10 -4.60
N HIS A 375 16.94 -11.65 -3.36
CA HIS A 375 15.64 -11.83 -2.68
C HIS A 375 14.88 -10.50 -2.78
N ILE A 376 13.65 -10.51 -3.29
CA ILE A 376 12.99 -9.23 -3.61
C ILE A 376 11.70 -9.25 -2.79
N ASN A 377 11.44 -8.17 -2.04
CA ASN A 377 10.25 -8.01 -1.25
C ASN A 377 8.94 -7.95 -2.08
N PRO A 378 7.86 -8.58 -1.55
CA PRO A 378 6.54 -8.33 -2.11
C PRO A 378 6.29 -6.82 -2.37
N THR A 379 6.05 -6.48 -3.64
CA THR A 379 5.74 -5.11 -4.15
C THR A 379 6.96 -4.19 -4.15
N GLY A 380 8.09 -4.76 -3.72
CA GLY A 380 9.37 -4.12 -3.77
C GLY A 380 10.05 -4.29 -5.11
N THR A 381 11.16 -3.55 -5.27
CA THR A 381 12.11 -3.66 -6.38
C THR A 381 13.57 -3.66 -5.83
N VAL A 382 14.49 -4.42 -6.46
CA VAL A 382 15.95 -4.25 -6.26
C VAL A 382 16.50 -3.49 -7.47
N LEU A 383 17.27 -2.41 -7.22
CA LEU A 383 17.83 -1.62 -8.29
C LEU A 383 19.33 -1.75 -8.22
N LEU A 384 19.92 -2.18 -9.34
CA LEU A 384 21.32 -2.40 -9.46
C LEU A 384 21.91 -1.47 -10.53
N GLN A 385 23.13 -1.04 -10.33
CA GLN A 385 23.94 -0.53 -11.42
C GLN A 385 25.05 -1.54 -11.76
N LEU A 386 25.26 -1.79 -13.07
CA LEU A 386 26.31 -2.71 -13.57
C LEU A 386 27.35 -1.89 -14.35
N GLU A 387 28.62 -1.98 -13.93
CA GLU A 387 29.72 -1.36 -14.66
C GLU A 387 30.49 -2.47 -15.37
N ASN A 388 30.53 -2.40 -16.70
CA ASN A 388 31.43 -3.27 -17.47
C ASN A 388 32.90 -2.97 -17.09
N THR A 389 33.69 -4.03 -16.83
CA THR A 389 35.12 -3.88 -16.43
C THR A 389 36.03 -3.21 -17.51
N MET A 390 35.58 -3.31 -18.76
CA MET A 390 36.33 -3.15 -20.05
C MET A 390 37.65 -3.95 -20.17
N LEU B 1 -18.36 -21.61 21.34
CA LEU B 1 -18.10 -22.96 21.90
C LEU B 1 -17.94 -22.84 23.41
N ASP B 2 -18.60 -23.75 24.12
CA ASP B 2 -18.71 -23.65 25.57
C ASP B 2 -17.62 -24.56 26.22
N ASN B 3 -16.36 -24.31 25.89
CA ASN B 3 -15.23 -25.06 26.45
C ASN B 3 -14.46 -24.19 27.45
N GLY B 4 -15.04 -23.05 27.81
CA GLY B 4 -14.38 -22.03 28.64
C GLY B 4 -13.27 -21.20 28.01
N LEU B 5 -13.02 -21.39 26.70
CA LEU B 5 -11.87 -20.77 26.02
C LEU B 5 -12.28 -19.63 25.11
N ALA B 6 -11.31 -18.78 24.78
CA ALA B 6 -11.53 -17.55 24.00
C ALA B 6 -12.66 -16.77 24.61
N ARG B 7 -12.52 -16.43 25.88
CA ARG B 7 -13.44 -15.49 26.48
C ARG B 7 -13.19 -14.07 25.94
N THR B 8 -11.99 -13.81 25.41
CA THR B 8 -11.71 -12.63 24.57
C THR B 8 -11.11 -13.24 23.28
N PRO B 9 -11.11 -12.52 22.11
CA PRO B 9 -10.54 -13.11 20.88
C PRO B 9 -9.14 -13.63 21.08
N THR B 10 -8.85 -14.82 20.59
CA THR B 10 -7.52 -15.41 20.71
C THR B 10 -6.47 -14.45 20.08
N MET B 11 -5.26 -14.46 20.65
CA MET B 11 -4.19 -13.63 20.24
C MET B 11 -2.93 -14.49 20.13
N GLY B 12 -2.16 -14.28 19.07
CA GLY B 12 -0.96 -15.08 18.84
C GLY B 12 -0.33 -14.78 17.51
N TRP B 13 0.33 -15.78 16.94
CA TRP B 13 1.05 -15.64 15.66
C TRP B 13 0.82 -16.92 14.83
N LEU B 14 0.66 -16.76 13.52
CA LEU B 14 0.39 -17.88 12.64
C LEU B 14 1.34 -17.76 11.45
N HIS B 15 1.97 -18.84 11.03
CA HIS B 15 2.94 -18.74 9.90
C HIS B 15 2.39 -18.39 8.52
N TRP B 16 1.08 -18.54 8.30
CA TRP B 16 0.66 -18.72 6.92
C TRP B 16 0.91 -17.58 5.92
N GLU B 17 0.55 -16.35 6.26
CA GLU B 17 0.54 -15.32 5.22
C GLU B 17 1.95 -14.93 4.88
N ARG B 18 2.80 -14.87 5.88
CA ARG B 18 4.19 -14.58 5.58
C ARG B 18 5.03 -15.79 5.13
N PHE B 19 4.72 -17.02 5.56
CA PHE B 19 5.60 -18.17 5.21
C PHE B 19 5.02 -19.18 4.24
N MET B 20 3.71 -19.21 4.14
CA MET B 20 3.03 -20.04 3.16
C MET B 20 3.49 -21.51 3.19
N CYS B 21 3.62 -22.18 2.04
CA CYS B 21 3.98 -23.57 2.03
C CYS B 21 5.41 -23.81 1.52
N ASN B 22 6.34 -23.04 2.06
CA ASN B 22 7.73 -23.12 1.64
C ASN B 22 8.37 -24.39 2.21
N LEU B 23 8.65 -25.37 1.34
CA LEU B 23 9.15 -26.69 1.76
C LEU B 23 10.65 -26.83 1.55
N ASP B 24 11.21 -25.86 0.84
CA ASP B 24 12.58 -25.88 0.35
C ASP B 24 13.55 -25.34 1.40
N CYS B 25 14.00 -26.22 2.29
CA CYS B 25 14.89 -25.80 3.39
C CYS B 25 16.36 -25.62 2.95
N GLN B 26 16.68 -26.11 1.77
CA GLN B 26 18.03 -26.03 1.26
C GLN B 26 18.36 -24.63 0.75
N GLU B 27 17.46 -24.07 -0.07
CA GLU B 27 17.74 -22.83 -0.80
C GLU B 27 17.05 -21.65 -0.11
N GLU B 28 16.07 -21.97 0.73
CA GLU B 28 15.32 -20.98 1.47
C GLU B 28 15.23 -21.30 2.96
N PRO B 29 16.37 -21.68 3.62
CA PRO B 29 16.32 -22.09 5.07
C PRO B 29 15.57 -21.10 5.99
N ASP B 30 15.73 -19.79 5.77
CA ASP B 30 15.22 -18.80 6.72
C ASP B 30 13.73 -18.65 6.65
N SER B 31 13.14 -19.08 5.55
CA SER B 31 11.69 -19.04 5.39
C SER B 31 11.06 -20.42 5.16
N CYS B 32 11.83 -21.50 5.05
CA CYS B 32 11.09 -22.78 5.05
C CYS B 32 10.28 -23.10 6.33
N ILE B 33 9.21 -23.87 6.17
CA ILE B 33 8.42 -24.32 7.32
C ILE B 33 9.18 -25.41 8.09
N SER B 34 9.88 -25.01 9.16
CA SER B 34 10.72 -25.93 9.93
C SER B 34 10.53 -25.78 11.45
N GLU B 35 10.80 -26.81 12.23
CA GLU B 35 10.78 -26.67 13.73
C GLU B 35 11.59 -25.46 14.24
N LYS B 36 12.77 -25.22 13.65
CA LYS B 36 13.64 -24.11 14.06
C LYS B 36 13.04 -22.74 13.77
N LEU B 37 12.20 -22.63 12.73
CA LEU B 37 11.44 -21.38 12.51
C LEU B 37 10.64 -21.09 13.75
N PHE B 38 9.85 -22.08 14.16
CA PHE B 38 8.91 -21.98 15.27
C PHE B 38 9.56 -21.74 16.60
N MET B 39 10.67 -22.43 16.83
CA MET B 39 11.50 -22.24 18.04
C MET B 39 12.03 -20.80 18.13
N GLU B 40 12.58 -20.28 17.02
CA GLU B 40 13.03 -18.86 16.97
C GLU B 40 11.89 -17.85 17.14
N MET B 41 10.75 -18.03 16.48
CA MET B 41 9.61 -17.12 16.72
C MET B 41 9.19 -17.19 18.16
N ALA B 42 9.20 -18.37 18.76
CA ALA B 42 8.80 -18.53 20.17
C ALA B 42 9.71 -17.71 21.10
N GLU B 43 11.03 -17.75 20.85
CA GLU B 43 11.99 -16.99 21.66
C GLU B 43 11.75 -15.48 21.53
N LEU B 44 11.39 -15.03 20.35
CA LEU B 44 11.20 -13.60 20.19
C LEU B 44 9.83 -13.13 20.76
N MET B 45 8.80 -13.97 20.62
CA MET B 45 7.56 -13.65 21.25
C MET B 45 7.81 -13.28 22.74
N VAL B 46 8.81 -13.91 23.35
CA VAL B 46 9.09 -13.69 24.76
C VAL B 46 9.98 -12.50 24.95
N SER B 47 11.16 -12.49 24.32
CA SER B 47 12.17 -11.44 24.55
C SER B 47 11.82 -10.06 23.95
N GLU B 48 10.94 -10.05 22.94
CA GLU B 48 10.48 -8.81 22.30
C GLU B 48 9.14 -8.20 22.71
N GLY B 49 8.49 -8.70 23.77
CA GLY B 49 7.35 -8.02 24.32
C GLY B 49 6.01 -8.60 23.88
N TRP B 50 6.08 -9.57 22.98
CA TRP B 50 4.88 -10.02 22.32
C TRP B 50 3.94 -10.73 23.26
N LYS B 51 4.47 -11.60 24.12
CA LYS B 51 3.64 -12.39 24.99
C LYS B 51 3.08 -11.48 26.14
N ASP B 52 3.89 -10.52 26.59
CA ASP B 52 3.45 -9.46 27.48
C ASP B 52 2.27 -8.64 26.98
N ALA B 53 2.21 -8.40 25.68
CA ALA B 53 1.17 -7.58 25.11
C ALA B 53 -0.12 -8.40 24.88
N GLY B 54 0.02 -9.73 24.92
CA GLY B 54 -1.11 -10.68 25.06
C GLY B 54 -1.09 -11.66 23.91
N TYR B 55 -0.07 -11.55 23.06
CA TYR B 55 0.14 -12.56 22.02
C TYR B 55 0.69 -13.91 22.57
N GLU B 56 -0.17 -14.92 22.60
CA GLU B 56 0.06 -16.10 23.42
C GLU B 56 0.23 -17.40 22.63
N TYR B 57 -0.51 -17.53 21.54
CA TYR B 57 -0.59 -18.77 20.76
C TYR B 57 0.32 -18.68 19.51
N LEU B 58 1.40 -19.48 19.50
CA LEU B 58 2.29 -19.58 18.34
C LEU B 58 1.77 -20.79 17.60
N CYS B 59 1.37 -20.58 16.35
CA CYS B 59 0.54 -21.55 15.66
C CYS B 59 1.14 -22.05 14.40
N ILE B 60 1.09 -23.36 14.18
CA ILE B 60 1.57 -23.85 12.91
C ILE B 60 0.42 -23.88 11.94
N ASP B 61 0.61 -23.37 10.74
CA ASP B 61 -0.44 -23.45 9.73
C ASP B 61 -0.12 -24.68 8.87
N ASP B 62 -0.50 -24.69 7.58
CA ASP B 62 -0.41 -25.89 6.72
C ASP B 62 1.08 -26.20 6.43
N CYS B 63 1.35 -27.45 6.01
CA CYS B 63 2.65 -27.94 5.48
C CYS B 63 3.70 -28.26 6.58
N TRP B 64 3.26 -28.85 7.67
CA TRP B 64 4.16 -29.38 8.71
C TRP B 64 4.23 -30.94 8.65
N MET B 65 3.16 -31.57 8.15
CA MET B 65 3.05 -33.03 8.09
C MET B 65 3.94 -33.74 7.06
N ALA B 66 4.35 -34.97 7.42
CA ALA B 66 4.94 -35.93 6.50
C ALA B 66 3.93 -36.27 5.39
N PRO B 67 4.40 -36.73 4.21
CA PRO B 67 3.49 -37.02 3.08
C PRO B 67 2.27 -37.92 3.38
N GLN B 68 2.44 -38.97 4.19
CA GLN B 68 1.25 -39.71 4.74
C GLN B 68 1.35 -40.17 6.23
N ARG B 69 0.42 -41.02 6.63
CA ARG B 69 0.28 -41.48 8.03
C ARG B 69 1.43 -42.42 8.45
N ASP B 70 1.63 -42.60 9.76
CA ASP B 70 2.57 -43.61 10.25
C ASP B 70 1.93 -45.01 10.11
N SER B 71 2.64 -46.06 10.54
CA SER B 71 2.13 -47.43 10.49
C SER B 71 1.22 -47.74 11.69
N GLU B 72 0.70 -46.69 12.33
CA GLU B 72 -0.36 -46.85 13.31
C GLU B 72 -1.59 -46.04 12.86
N GLY B 73 -1.46 -45.36 11.72
CA GLY B 73 -2.54 -44.56 11.16
C GLY B 73 -2.49 -43.10 11.59
N ARG B 74 -1.56 -42.75 12.47
CA ARG B 74 -1.47 -41.38 12.96
C ARG B 74 -0.65 -40.44 12.05
N LEU B 75 -1.07 -39.18 12.04
CA LEU B 75 -0.28 -38.08 11.46
C LEU B 75 1.15 -38.08 11.99
N GLN B 76 2.05 -37.41 11.29
CA GLN B 76 3.40 -37.15 11.83
C GLN B 76 3.96 -35.87 11.26
N ALA B 77 4.94 -35.31 11.96
CA ALA B 77 5.63 -34.13 11.48
C ALA B 77 6.52 -34.55 10.36
N ASP B 78 6.84 -33.62 9.46
CA ASP B 78 7.83 -33.92 8.48
C ASP B 78 9.13 -34.39 9.18
N PRO B 79 9.73 -35.51 8.72
CA PRO B 79 10.95 -36.00 9.38
C PRO B 79 12.18 -35.11 9.17
N GLN B 80 12.24 -34.37 8.06
CA GLN B 80 13.40 -33.52 7.80
C GLN B 80 13.23 -32.11 8.31
N ARG B 81 12.03 -31.57 8.19
CA ARG B 81 11.74 -30.22 8.62
C ARG B 81 11.35 -30.12 10.09
N PHE B 82 10.87 -31.21 10.67
CA PHE B 82 10.53 -31.24 12.08
C PHE B 82 11.07 -32.50 12.76
N PRO B 83 12.40 -32.75 12.69
CA PRO B 83 12.95 -34.04 13.14
C PRO B 83 12.65 -34.44 14.61
N HIS B 84 12.34 -33.43 15.46
CA HIS B 84 12.14 -33.65 16.90
C HIS B 84 10.68 -33.95 17.35
N GLY B 85 9.78 -34.03 16.34
CA GLY B 85 8.34 -34.32 16.52
C GLY B 85 7.59 -33.08 16.98
N ILE B 86 6.26 -33.17 17.11
CA ILE B 86 5.49 -32.03 17.62
C ILE B 86 5.55 -31.94 19.12
N ARG B 87 5.74 -33.07 19.78
CA ARG B 87 5.67 -33.12 21.23
C ARG B 87 6.80 -32.34 21.91
N GLN B 88 8.03 -32.47 21.37
CA GLN B 88 9.18 -31.70 21.85
C GLN B 88 9.09 -30.19 21.57
N LEU B 89 8.52 -29.83 20.42
CA LEU B 89 8.22 -28.44 20.14
C LEU B 89 7.18 -27.86 21.09
N ALA B 90 6.21 -28.69 21.51
CA ALA B 90 5.16 -28.25 22.41
C ALA B 90 5.75 -27.94 23.78
N ASN B 91 6.62 -28.82 24.28
CA ASN B 91 7.36 -28.61 25.51
C ASN B 91 8.17 -27.33 25.48
N TYR B 92 8.81 -27.12 24.35
CA TYR B 92 9.61 -25.93 24.11
C TYR B 92 8.75 -24.67 24.17
N VAL B 93 7.72 -24.63 23.35
CA VAL B 93 6.73 -23.57 23.41
C VAL B 93 6.10 -23.43 24.81
N HIS B 94 5.81 -24.53 25.51
CA HIS B 94 5.15 -24.38 26.82
C HIS B 94 6.15 -23.85 27.83
N SER B 95 7.43 -24.16 27.64
CA SER B 95 8.45 -23.79 28.62
C SER B 95 8.62 -22.25 28.62
N LYS B 96 8.39 -21.65 27.47
CA LYS B 96 8.41 -20.20 27.30
C LYS B 96 7.10 -19.55 27.83
N GLY B 97 6.12 -20.38 28.19
CA GLY B 97 4.88 -19.90 28.80
C GLY B 97 3.92 -19.52 27.70
N LEU B 98 4.15 -20.08 26.52
CA LEU B 98 3.30 -19.81 25.37
C LEU B 98 2.49 -21.05 25.09
N LYS B 99 1.52 -20.91 24.17
CA LYS B 99 0.66 -22.00 23.78
C LYS B 99 0.88 -22.33 22.26
N LEU B 100 0.60 -23.60 21.90
CA LEU B 100 0.90 -24.14 20.59
C LEU B 100 -0.37 -24.50 19.80
N GLY B 101 -0.47 -23.94 18.58
CA GLY B 101 -1.57 -24.15 17.64
C GLY B 101 -1.09 -25.02 16.50
N ILE B 102 -1.96 -25.89 15.99
CA ILE B 102 -1.57 -26.72 14.86
C ILE B 102 -2.63 -26.53 13.79
N TYR B 103 -2.44 -27.22 12.65
CA TYR B 103 -3.38 -27.18 11.52
C TYR B 103 -3.80 -28.58 11.08
N ALA B 104 -5.07 -28.76 10.73
CA ALA B 104 -5.52 -29.95 9.98
C ALA B 104 -6.72 -29.58 9.09
N ASP B 105 -7.20 -30.55 8.29
CA ASP B 105 -8.26 -30.29 7.29
C ASP B 105 -9.41 -31.28 7.42
N VAL B 106 -10.64 -30.79 7.31
CA VAL B 106 -11.82 -31.63 7.51
C VAL B 106 -12.01 -32.67 6.42
N GLY B 107 -11.39 -32.48 5.26
CA GLY B 107 -11.61 -33.41 4.14
C GLY B 107 -10.57 -34.49 3.97
N ASN B 108 -10.48 -35.01 2.75
CA ASN B 108 -9.50 -36.04 2.41
C ASN B 108 -8.04 -35.56 2.30
N LYS B 109 -7.82 -34.25 2.18
CA LYS B 109 -6.49 -33.66 2.09
C LYS B 109 -6.55 -32.25 2.65
N THR B 110 -5.43 -31.73 3.15
CA THR B 110 -5.34 -30.33 3.54
C THR B 110 -5.33 -29.46 2.29
N CYS B 111 -5.27 -28.15 2.45
CA CYS B 111 -5.36 -27.32 1.26
C CYS B 111 -4.13 -27.45 0.34
N ALA B 112 -2.98 -27.78 0.92
CA ALA B 112 -1.74 -27.88 0.16
C ALA B 112 -1.51 -29.31 -0.31
N GLY B 113 -2.34 -30.21 0.20
CA GLY B 113 -2.40 -31.58 -0.31
C GLY B 113 -1.92 -32.66 0.64
N PHE B 114 -1.68 -32.28 1.88
CA PHE B 114 -1.20 -33.21 2.91
C PHE B 114 -2.34 -34.01 3.61
N PRO B 115 -2.00 -35.01 4.45
CA PRO B 115 -3.06 -35.86 5.01
C PRO B 115 -4.30 -35.14 5.64
N GLY B 116 -5.47 -35.44 5.12
CA GLY B 116 -6.73 -34.90 5.66
C GLY B 116 -7.21 -35.72 6.84
N SER B 117 -8.28 -35.27 7.47
CA SER B 117 -8.72 -35.90 8.69
C SER B 117 -9.99 -36.72 8.54
N PHE B 118 -10.63 -36.69 7.35
CA PHE B 118 -11.82 -37.52 7.13
C PHE B 118 -11.50 -38.98 7.39
N GLY B 119 -12.33 -39.61 8.23
CA GLY B 119 -12.10 -40.98 8.70
C GLY B 119 -11.05 -41.08 9.79
N TYR B 120 -10.57 -39.93 10.29
CA TYR B 120 -9.50 -39.88 11.30
C TYR B 120 -9.70 -38.91 12.50
N TYR B 121 -10.94 -38.49 12.79
CA TYR B 121 -11.13 -37.35 13.70
C TYR B 121 -10.68 -37.68 15.07
N ASP B 122 -11.24 -38.77 15.59
CA ASP B 122 -10.99 -39.24 16.94
C ASP B 122 -9.49 -39.49 17.17
N ILE B 123 -8.88 -40.30 16.28
CA ILE B 123 -7.42 -40.55 16.30
C ILE B 123 -6.61 -39.24 16.32
N ASP B 124 -7.01 -38.23 15.54
CA ASP B 124 -6.18 -37.00 15.42
C ASP B 124 -6.28 -36.03 16.58
N ALA B 125 -7.51 -35.79 17.03
CA ALA B 125 -7.75 -34.93 18.15
C ALA B 125 -6.98 -35.45 19.36
N GLN B 126 -7.04 -36.77 19.55
CA GLN B 126 -6.25 -37.48 20.57
C GLN B 126 -4.74 -37.31 20.34
N THR B 127 -4.28 -37.56 19.14
CA THR B 127 -2.89 -37.34 18.79
C THR B 127 -2.48 -35.90 19.15
N PHE B 128 -3.31 -34.92 18.78
CA PHE B 128 -3.04 -33.52 19.12
C PHE B 128 -2.99 -33.27 20.61
N ALA B 129 -3.84 -33.98 21.36
CA ALA B 129 -3.87 -33.83 22.81
C ALA B 129 -2.59 -34.44 23.42
N ASP B 130 -2.17 -35.64 22.98
CA ASP B 130 -0.96 -36.29 23.48
C ASP B 130 0.33 -35.52 23.12
N TRP B 131 0.27 -34.74 22.03
CA TRP B 131 1.38 -33.85 21.70
C TRP B 131 1.49 -32.59 22.56
N GLY B 132 0.37 -32.17 23.18
CA GLY B 132 0.31 -30.87 23.86
C GLY B 132 -0.15 -29.71 22.98
N VAL B 133 -0.95 -29.98 21.96
CA VAL B 133 -1.50 -28.92 21.12
C VAL B 133 -2.54 -28.18 21.94
N ASP B 134 -2.52 -26.85 21.85
CA ASP B 134 -3.44 -25.98 22.61
C ASP B 134 -4.46 -25.22 21.73
N LEU B 135 -4.26 -25.17 20.42
CA LEU B 135 -5.27 -24.64 19.49
C LEU B 135 -5.26 -25.53 18.24
N LEU B 136 -6.39 -25.71 17.57
CA LEU B 136 -6.43 -26.35 16.25
C LEU B 136 -7.13 -25.46 15.22
N LYS B 137 -6.45 -25.13 14.14
CA LYS B 137 -7.04 -24.48 12.97
C LYS B 137 -7.59 -25.56 12.01
N PHE B 138 -8.88 -25.51 11.72
CA PHE B 138 -9.51 -26.60 11.00
C PHE B 138 -10.08 -26.12 9.69
N ASP B 139 -9.35 -26.46 8.64
CA ASP B 139 -9.66 -26.02 7.29
C ASP B 139 -10.55 -27.07 6.61
N GLY B 140 -11.02 -26.77 5.38
CA GLY B 140 -12.16 -27.46 4.76
C GLY B 140 -11.99 -27.92 3.32
N CYS B 141 -10.73 -27.99 2.88
CA CYS B 141 -10.41 -28.38 1.52
C CYS B 141 -10.75 -29.84 1.24
N TYR B 142 -10.98 -30.14 -0.03
CA TYR B 142 -11.20 -31.51 -0.48
C TYR B 142 -12.22 -32.23 0.38
N CYS B 143 -13.44 -31.69 0.38
CA CYS B 143 -14.56 -32.21 1.15
C CYS B 143 -15.73 -32.57 0.23
N ASP B 144 -16.16 -33.85 0.27
CA ASP B 144 -17.20 -34.43 -0.61
C ASP B 144 -18.42 -33.53 -0.83
N SER B 145 -18.98 -33.05 0.28
CA SER B 145 -20.30 -32.44 0.34
C SER B 145 -20.40 -31.59 1.61
N LEU B 146 -21.46 -30.80 1.69
CA LEU B 146 -21.78 -29.95 2.84
C LEU B 146 -22.13 -30.77 4.07
N GLU B 147 -22.79 -31.91 3.80
CA GLU B 147 -23.20 -32.89 4.80
C GLU B 147 -21.98 -33.41 5.55
N ASN B 148 -20.95 -33.79 4.80
CA ASN B 148 -19.66 -34.20 5.36
C ASN B 148 -18.89 -33.06 6.05
N LEU B 149 -19.01 -31.87 5.46
CA LEU B 149 -18.38 -30.66 5.98
C LEU B 149 -18.91 -30.39 7.38
N ALA B 150 -20.23 -30.25 7.51
CA ALA B 150 -20.87 -30.08 8.82
C ALA B 150 -20.64 -31.26 9.77
N ASP B 151 -20.94 -32.50 9.35
CA ASP B 151 -20.62 -33.69 10.14
C ASP B 151 -19.18 -33.69 10.68
N GLY B 152 -18.22 -33.33 9.84
CA GLY B 152 -16.81 -33.40 10.19
C GLY B 152 -16.34 -32.28 11.11
N TYR B 153 -16.83 -31.07 10.85
CA TYR B 153 -16.60 -29.95 11.76
C TYR B 153 -17.21 -30.18 13.15
N LYS B 154 -18.39 -30.81 13.19
CA LYS B 154 -19.07 -31.12 14.45
C LYS B 154 -18.37 -32.27 15.18
N HIS B 155 -18.01 -33.31 14.44
CA HIS B 155 -17.26 -34.46 14.96
C HIS B 155 -15.95 -34.05 15.66
N MET B 156 -15.07 -33.35 14.94
CA MET B 156 -13.80 -32.87 15.52
C MET B 156 -13.95 -32.03 16.84
N SER B 157 -14.97 -31.17 16.91
CA SER B 157 -15.31 -30.43 18.12
C SER B 157 -15.52 -31.34 19.34
N LEU B 158 -16.31 -32.39 19.12
CA LEU B 158 -16.63 -33.41 20.12
C LEU B 158 -15.39 -34.27 20.44
N ALA B 159 -14.65 -34.66 19.40
CA ALA B 159 -13.41 -35.45 19.53
C ALA B 159 -12.40 -34.74 20.44
N LEU B 160 -12.29 -33.42 20.26
CA LEU B 160 -11.32 -32.61 21.01
C LEU B 160 -11.78 -32.42 22.43
N ASN B 161 -13.08 -32.16 22.61
CA ASN B 161 -13.63 -32.10 23.92
C ASN B 161 -13.37 -33.46 24.59
N ARG B 162 -13.66 -34.54 23.87
CA ARG B 162 -13.58 -35.91 24.42
C ARG B 162 -12.13 -36.33 24.75
N THR B 163 -11.16 -35.44 24.55
CA THR B 163 -9.75 -35.81 24.84
C THR B 163 -9.36 -35.48 26.27
N GLY B 164 -10.23 -34.70 26.94
CA GLY B 164 -9.91 -34.01 28.19
C GLY B 164 -9.27 -32.62 28.02
N ARG B 165 -8.60 -32.37 26.88
CA ARG B 165 -7.70 -31.20 26.75
C ARG B 165 -8.32 -29.85 26.26
N SER B 166 -7.89 -28.76 26.89
CA SER B 166 -8.28 -27.41 26.46
C SER B 166 -7.50 -27.05 25.21
N ILE B 167 -8.23 -27.02 24.09
CA ILE B 167 -7.73 -26.89 22.73
C ILE B 167 -8.70 -25.90 22.06
N VAL B 168 -8.21 -24.69 21.78
CA VAL B 168 -8.99 -23.64 21.08
C VAL B 168 -9.34 -24.11 19.65
N TYR B 169 -10.61 -24.02 19.27
CA TYR B 169 -11.03 -24.63 18.03
C TYR B 169 -11.49 -23.61 17.05
N SER B 170 -10.75 -23.50 15.96
CA SER B 170 -10.83 -22.44 14.96
C SER B 170 -11.28 -23.07 13.62
N CYS B 171 -12.46 -22.70 13.16
CA CYS B 171 -13.08 -23.32 11.99
C CYS B 171 -13.14 -22.40 10.79
N GLU B 172 -13.01 -22.97 9.57
CA GLU B 172 -13.15 -22.24 8.30
C GLU B 172 -14.47 -22.68 7.63
N TRP B 173 -15.30 -23.30 8.45
CA TRP B 173 -16.61 -23.89 8.09
C TRP B 173 -17.57 -22.91 7.36
N PRO B 174 -17.69 -21.65 7.85
CA PRO B 174 -18.61 -20.74 7.15
C PRO B 174 -18.04 -20.42 5.78
N LEU B 175 -16.70 -20.32 5.69
CA LEU B 175 -16.05 -20.08 4.42
C LEU B 175 -16.42 -21.12 3.35
N TYR B 176 -16.36 -22.40 3.71
CA TYR B 176 -16.59 -23.48 2.75
C TYR B 176 -18.04 -23.79 2.52
N MET B 177 -18.89 -23.33 3.41
CA MET B 177 -20.34 -23.44 3.24
C MET B 177 -20.75 -22.39 2.27
N TRP B 178 -20.13 -21.22 2.42
CA TRP B 178 -20.20 -20.16 1.45
C TRP B 178 -19.77 -20.64 0.07
N PRO B 179 -20.64 -20.33 -0.84
CA PRO B 179 -21.95 -20.78 -0.71
C PRO B 179 -22.29 -21.83 -1.78
N PHE B 180 -22.49 -23.02 -1.25
CA PHE B 180 -23.67 -23.77 -1.57
C PHE B 180 -24.84 -22.97 -0.92
N GLN B 181 -24.64 -22.49 0.31
CA GLN B 181 -25.66 -21.70 1.02
C GLN B 181 -25.12 -20.86 2.18
N LYS B 182 -25.88 -19.83 2.52
CA LYS B 182 -25.62 -19.04 3.73
C LYS B 182 -25.48 -19.90 5.00
N PRO B 183 -24.38 -19.68 5.74
CA PRO B 183 -24.10 -20.36 7.00
C PRO B 183 -25.16 -20.05 8.05
N ASN B 184 -25.40 -21.02 8.93
CA ASN B 184 -26.22 -20.81 10.09
C ASN B 184 -25.19 -20.57 11.17
N TYR B 185 -25.03 -19.30 11.59
CA TYR B 185 -23.99 -18.97 12.56
C TYR B 185 -24.24 -19.48 14.01
N THR B 186 -25.47 -19.77 14.34
CA THR B 186 -25.80 -20.33 15.69
C THR B 186 -25.27 -21.78 15.84
N GLU B 187 -25.32 -22.53 14.74
CA GLU B 187 -24.88 -23.92 14.73
C GLU B 187 -23.36 -23.89 14.91
N ILE B 188 -22.71 -22.97 14.19
CA ILE B 188 -21.26 -22.82 14.20
C ILE B 188 -20.72 -22.29 15.54
N ARG B 189 -21.34 -21.23 16.09
CA ARG B 189 -21.00 -20.76 17.45
C ARG B 189 -21.02 -21.91 18.46
N GLN B 190 -21.97 -22.84 18.31
CA GLN B 190 -22.02 -24.01 19.19
C GLN B 190 -20.78 -24.92 19.13
N TYR B 191 -20.05 -24.91 18.01
CA TYR B 191 -18.93 -25.83 17.76
C TYR B 191 -17.55 -25.21 17.75
N CYS B 192 -17.48 -23.88 17.59
CA CYS B 192 -16.24 -23.21 17.25
C CYS B 192 -15.94 -21.97 18.10
N ASN B 193 -14.71 -21.87 18.61
CA ASN B 193 -14.30 -20.65 19.30
C ASN B 193 -14.17 -19.48 18.39
N HIS B 194 -13.85 -19.71 17.12
CA HIS B 194 -13.92 -18.65 16.13
C HIS B 194 -13.95 -19.21 14.71
N TRP B 195 -14.36 -18.40 13.76
CA TRP B 195 -14.60 -18.89 12.39
C TRP B 195 -14.25 -17.91 11.28
N ARG B 196 -13.56 -18.45 10.29
CA ARG B 196 -13.18 -17.77 9.07
C ARG B 196 -14.41 -17.61 8.19
N ASN B 197 -14.72 -16.35 7.87
CA ASN B 197 -15.92 -16.04 7.10
C ASN B 197 -15.73 -15.87 5.63
N PHE B 198 -14.55 -15.35 5.28
CA PHE B 198 -14.27 -14.77 3.99
C PHE B 198 -12.88 -15.27 3.44
N ALA B 199 -12.51 -14.86 2.21
CA ALA B 199 -11.27 -15.28 1.49
C ALA B 199 -9.93 -14.91 2.17
N ASP B 200 -8.90 -15.72 1.97
CA ASP B 200 -7.60 -15.53 2.61
C ASP B 200 -7.06 -14.09 2.46
N ILE B 201 -6.65 -13.47 3.54
CA ILE B 201 -5.95 -12.20 3.41
C ILE B 201 -4.64 -12.40 2.62
N ASP B 202 -4.18 -11.35 1.95
CA ASP B 202 -2.79 -11.31 1.56
C ASP B 202 -2.27 -9.91 1.85
N ASP B 203 -1.07 -9.58 1.33
CA ASP B 203 -0.31 -8.44 1.82
C ASP B 203 -0.65 -7.23 0.96
N SER B 204 -1.93 -6.79 1.04
CA SER B 204 -2.43 -5.68 0.22
C SER B 204 -3.53 -4.88 0.85
N TRP B 205 -3.51 -3.60 0.52
CA TRP B 205 -4.62 -2.72 0.79
C TRP B 205 -5.94 -3.21 0.11
N LYS B 206 -5.84 -3.76 -1.10
CA LYS B 206 -6.97 -4.40 -1.79
C LYS B 206 -7.68 -5.44 -0.92
N SER B 207 -6.92 -6.35 -0.33
CA SER B 207 -7.41 -7.48 0.46
C SER B 207 -8.13 -6.96 1.73
N ILE B 208 -7.50 -5.99 2.37
CA ILE B 208 -8.07 -5.35 3.50
C ILE B 208 -9.43 -4.72 3.23
N LYS B 209 -9.49 -3.93 2.19
CA LYS B 209 -10.74 -3.30 1.80
C LYS B 209 -11.78 -4.34 1.56
N SER B 210 -11.41 -5.40 0.87
CA SER B 210 -12.41 -6.33 0.42
C SER B 210 -13.08 -7.07 1.61
N ILE B 211 -12.28 -7.31 2.65
CA ILE B 211 -12.73 -7.94 3.92
C ILE B 211 -13.60 -6.98 4.73
N LEU B 212 -13.28 -5.70 4.70
CA LEU B 212 -14.05 -4.74 5.42
C LEU B 212 -15.41 -4.60 4.78
N ASP B 213 -15.42 -4.40 3.46
CA ASP B 213 -16.64 -4.30 2.66
C ASP B 213 -17.45 -5.59 2.71
N TRP B 214 -16.78 -6.73 2.83
CA TRP B 214 -17.51 -8.00 2.94
C TRP B 214 -18.33 -8.07 4.26
N THR B 215 -17.63 -7.77 5.35
CA THR B 215 -18.16 -7.72 6.71
C THR B 215 -19.21 -6.65 6.93
N SER B 216 -18.88 -5.42 6.54
CA SER B 216 -19.75 -4.29 6.41
C SER B 216 -21.07 -4.72 5.74
N PHE B 217 -21.01 -5.24 4.51
CA PHE B 217 -22.18 -5.76 3.77
C PHE B 217 -23.03 -6.82 4.54
N ASN B 218 -22.35 -7.67 5.28
CA ASN B 218 -22.92 -8.85 5.83
C ASN B 218 -23.07 -8.73 7.33
N GLN B 219 -22.99 -7.52 7.87
CA GLN B 219 -22.89 -7.35 9.34
C GLN B 219 -24.21 -7.70 10.12
N GLU B 220 -25.34 -7.49 9.48
CA GLU B 220 -26.63 -7.77 10.05
C GLU B 220 -26.80 -9.27 10.33
N ARG B 221 -26.01 -10.10 9.67
CA ARG B 221 -26.08 -11.56 9.83
C ARG B 221 -24.94 -12.11 10.71
N ILE B 222 -23.88 -11.32 10.91
CA ILE B 222 -22.75 -11.80 11.70
C ILE B 222 -22.39 -11.08 12.97
N VAL B 223 -22.76 -9.80 13.14
CA VAL B 223 -22.20 -9.09 14.30
C VAL B 223 -22.75 -9.54 15.62
N ASP B 224 -24.02 -9.94 15.67
CA ASP B 224 -24.60 -10.34 16.96
C ASP B 224 -24.28 -11.78 17.43
N VAL B 225 -23.75 -12.64 16.57
CA VAL B 225 -23.46 -14.03 17.01
C VAL B 225 -22.12 -14.11 17.75
N ALA B 226 -21.30 -13.09 17.56
CA ALA B 226 -20.00 -12.98 18.25
C ALA B 226 -20.21 -12.50 19.68
N GLY B 227 -19.41 -13.08 20.57
CA GLY B 227 -19.38 -12.77 21.99
C GLY B 227 -18.41 -13.75 22.62
N PRO B 228 -18.13 -13.62 23.95
CA PRO B 228 -17.19 -14.50 24.66
C PRO B 228 -17.33 -15.97 24.23
N GLY B 229 -16.28 -16.59 23.73
CA GLY B 229 -16.37 -18.02 23.39
C GLY B 229 -16.51 -18.38 21.91
N GLY B 230 -16.87 -17.41 21.10
CA GLY B 230 -17.07 -17.62 19.66
C GLY B 230 -16.99 -16.29 18.94
N TRP B 231 -15.96 -16.15 18.11
CA TRP B 231 -15.67 -14.91 17.37
C TRP B 231 -15.71 -15.04 15.86
N ASN B 232 -16.10 -13.95 15.18
CA ASN B 232 -15.89 -13.83 13.72
C ASN B 232 -14.43 -13.60 13.44
N ASP B 233 -13.91 -14.33 12.46
CA ASP B 233 -12.45 -14.29 12.10
C ASP B 233 -12.20 -13.74 10.69
N PRO B 234 -11.81 -12.45 10.60
CA PRO B 234 -11.53 -11.79 9.32
C PRO B 234 -10.09 -12.03 8.85
N ASP B 235 -9.45 -13.03 9.45
CA ASP B 235 -8.14 -13.56 9.05
C ASP B 235 -7.04 -12.71 9.65
N MET B 236 -5.81 -13.07 9.36
CA MET B 236 -4.60 -12.63 10.08
C MET B 236 -4.30 -11.10 10.03
N LEU B 237 -3.61 -10.60 11.04
CA LEU B 237 -2.86 -9.36 10.94
C LEU B 237 -1.59 -9.50 10.06
N VAL B 238 -1.47 -8.54 9.12
CA VAL B 238 -0.38 -8.55 8.20
C VAL B 238 0.48 -7.31 8.36
N ILE B 239 0.39 -6.65 9.52
CA ILE B 239 1.27 -5.53 9.88
C ILE B 239 2.69 -6.09 10.13
N GLY B 240 3.70 -5.38 9.71
CA GLY B 240 5.08 -5.87 9.86
C GLY B 240 5.64 -6.33 8.54
N ASN B 241 4.78 -6.47 7.52
CA ASN B 241 5.14 -7.03 6.20
C ASN B 241 5.41 -5.95 5.19
N PHE B 242 4.91 -6.07 3.96
CA PHE B 242 5.50 -5.25 2.91
C PHE B 242 4.48 -4.45 2.12
N GLY B 243 3.20 -4.84 2.19
CA GLY B 243 2.29 -4.38 1.17
C GLY B 243 1.44 -3.22 1.65
N LEU B 244 1.42 -3.02 2.95
CA LEU B 244 0.63 -1.93 3.53
C LEU B 244 1.42 -0.70 3.94
N SER B 245 0.86 0.47 3.61
CA SER B 245 1.39 1.72 4.10
C SER B 245 1.10 1.87 5.57
N TRP B 246 1.85 2.74 6.25
CA TRP B 246 1.62 2.99 7.68
C TRP B 246 0.15 3.24 7.97
N ASN B 247 -0.45 4.09 7.15
CA ASN B 247 -1.89 4.45 7.31
C ASN B 247 -2.82 3.24 7.12
N GLN B 248 -2.62 2.46 6.05
CA GLN B 248 -3.30 1.16 5.88
C GLN B 248 -3.02 0.16 7.03
N GLN B 249 -1.81 0.21 7.63
CA GLN B 249 -1.56 -0.62 8.84
C GLN B 249 -2.40 -0.14 10.05
N VAL B 250 -2.48 1.18 10.27
CA VAL B 250 -3.43 1.62 11.28
C VAL B 250 -4.87 1.28 10.96
N THR B 251 -5.27 1.39 9.70
CA THR B 251 -6.61 0.89 9.36
C THR B 251 -6.75 -0.60 9.82
N GLN B 252 -5.81 -1.51 9.46
CA GLN B 252 -6.01 -2.89 9.87
C GLN B 252 -6.07 -3.15 11.40
N MET B 253 -5.16 -2.55 12.15
CA MET B 253 -5.18 -2.60 13.63
C MET B 253 -6.45 -1.96 14.20
N ALA B 254 -6.76 -0.72 13.83
CA ALA B 254 -7.97 -0.08 14.38
C ALA B 254 -9.26 -0.95 14.20
N LEU B 255 -9.42 -1.47 13.00
CA LEU B 255 -10.68 -2.16 12.66
C LEU B 255 -10.80 -3.61 13.12
N TRP B 256 -9.68 -4.28 13.38
CA TRP B 256 -9.70 -5.62 13.91
C TRP B 256 -10.01 -5.53 15.41
N ALA B 257 -9.73 -4.35 15.96
CA ALA B 257 -10.12 -4.01 17.31
C ALA B 257 -11.61 -3.77 17.35
N ILE B 258 -12.15 -3.01 16.40
CA ILE B 258 -13.59 -2.73 16.31
C ILE B 258 -14.34 -4.05 16.06
N MET B 259 -13.79 -4.92 15.21
CA MET B 259 -14.45 -6.16 14.86
C MET B 259 -14.36 -7.24 15.91
N ALA B 260 -13.67 -7.00 17.01
CA ALA B 260 -13.52 -8.05 18.03
C ALA B 260 -12.96 -9.35 17.43
N ALA B 261 -12.07 -9.14 16.47
CA ALA B 261 -11.34 -10.16 15.70
C ALA B 261 -10.25 -10.83 16.51
N PRO B 262 -10.08 -12.18 16.33
CA PRO B 262 -8.86 -12.73 16.93
C PRO B 262 -7.70 -12.02 16.25
N LEU B 263 -6.55 -11.96 16.93
CA LEU B 263 -5.42 -11.23 16.42
C LEU B 263 -4.27 -12.22 16.23
N PHE B 264 -4.26 -12.87 15.07
CA PHE B 264 -3.09 -13.67 14.71
C PHE B 264 -2.17 -12.91 13.73
N MET B 265 -1.03 -12.40 14.24
CA MET B 265 0.00 -11.79 13.44
C MET B 265 0.55 -12.88 12.56
N SER B 266 0.74 -12.55 11.28
CA SER B 266 1.48 -13.40 10.40
C SER B 266 2.51 -12.50 9.76
N ASN B 267 3.74 -12.65 10.21
CA ASN B 267 4.80 -11.73 9.89
C ASN B 267 6.07 -12.35 10.36
N ASP B 268 7.20 -11.67 10.19
CA ASP B 268 8.47 -12.20 10.66
C ASP B 268 8.96 -11.30 11.78
N LEU B 269 8.83 -11.79 13.02
CA LEU B 269 9.24 -11.08 14.26
C LEU B 269 10.76 -10.83 14.34
N ARG B 270 11.55 -11.51 13.53
CA ARG B 270 13.00 -11.21 13.37
C ARG B 270 13.32 -9.93 12.57
N HIS B 271 12.35 -9.50 11.75
CA HIS B 271 12.53 -8.39 10.81
C HIS B 271 11.23 -7.58 10.79
N ILE B 272 11.04 -6.76 11.81
CA ILE B 272 9.84 -5.93 11.91
C ILE B 272 10.32 -4.53 12.33
N SER B 273 9.72 -3.52 11.72
CA SER B 273 10.15 -2.15 12.02
C SER B 273 9.69 -1.78 13.44
N PRO B 274 10.41 -0.84 14.10
CA PRO B 274 9.95 -0.30 15.37
C PRO B 274 8.49 0.25 15.36
N GLN B 275 8.00 0.73 14.23
CA GLN B 275 6.64 1.30 14.19
C GLN B 275 5.53 0.24 13.98
N ALA B 276 5.76 -0.73 13.10
CA ALA B 276 4.96 -1.98 13.04
C ALA B 276 4.73 -2.60 14.48
N LYS B 277 5.85 -2.85 15.16
CA LYS B 277 5.92 -3.32 16.53
C LYS B 277 5.14 -2.42 17.46
N ALA B 278 5.47 -1.12 17.57
CA ALA B 278 4.69 -0.26 18.52
C ALA B 278 3.18 -0.39 18.27
N LEU B 279 2.75 -0.31 17.02
CA LEU B 279 1.36 -0.55 16.59
C LEU B 279 0.74 -1.89 17.01
N LEU B 280 1.43 -2.97 16.68
CA LEU B 280 0.98 -4.29 17.08
C LEU B 280 0.87 -4.52 18.62
N GLN B 281 1.75 -3.86 19.37
CA GLN B 281 1.82 -3.95 20.82
C GLN B 281 1.15 -2.77 21.51
N ASP B 282 0.34 -2.01 20.75
CA ASP B 282 -0.41 -0.88 21.30
C ASP B 282 -1.41 -1.36 22.36
N LYS B 283 -1.08 -1.03 23.63
CA LYS B 283 -1.79 -1.50 24.82
C LYS B 283 -3.23 -1.04 24.87
N ASP B 284 -3.49 0.16 24.38
CA ASP B 284 -4.83 0.75 24.43
C ASP B 284 -5.67 0.24 23.31
N VAL B 285 -5.08 -0.06 22.15
CA VAL B 285 -5.84 -0.64 21.06
C VAL B 285 -6.12 -2.16 21.28
N ILE B 286 -5.13 -2.91 21.78
CA ILE B 286 -5.40 -4.28 22.25
C ILE B 286 -6.51 -4.30 23.32
N ALA B 287 -6.51 -3.37 24.28
CA ALA B 287 -7.56 -3.39 25.31
C ALA B 287 -8.94 -3.29 24.66
N ILE B 288 -9.08 -2.42 23.65
CA ILE B 288 -10.32 -2.43 22.87
C ILE B 288 -10.64 -3.80 22.30
N ASN B 289 -9.76 -4.36 21.49
CA ASN B 289 -9.97 -5.68 20.93
C ASN B 289 -10.38 -6.70 22.02
N GLN B 290 -9.76 -6.57 23.20
CA GLN B 290 -9.92 -7.52 24.27
C GLN B 290 -10.97 -7.13 25.28
N ASP B 291 -11.73 -6.07 24.99
CA ASP B 291 -12.74 -5.55 25.92
C ASP B 291 -13.63 -6.68 26.45
N PRO B 292 -13.79 -6.80 27.77
CA PRO B 292 -14.58 -7.94 28.31
C PRO B 292 -16.11 -8.07 28.00
N LEU B 293 -16.80 -6.98 27.69
CA LEU B 293 -18.20 -7.07 27.26
C LEU B 293 -18.23 -8.08 26.10
N GLY B 294 -17.33 -7.90 25.14
CA GLY B 294 -17.24 -8.79 24.00
C GLY B 294 -18.39 -8.71 23.01
N LYS B 295 -18.96 -7.51 22.86
CA LYS B 295 -19.89 -7.24 21.75
C LYS B 295 -19.07 -6.73 20.54
N GLN B 296 -19.32 -7.26 19.35
CA GLN B 296 -18.57 -6.90 18.16
C GLN B 296 -19.07 -5.53 17.67
N GLY B 297 -18.18 -4.63 17.23
CA GLY B 297 -18.66 -3.36 16.65
C GLY B 297 -19.17 -3.50 15.21
N TYR B 298 -19.51 -2.40 14.57
CA TYR B 298 -20.22 -2.45 13.32
C TYR B 298 -19.98 -1.15 12.54
N GLN B 299 -20.46 -1.10 11.29
CA GLN B 299 -20.38 0.11 10.49
C GLN B 299 -21.62 0.97 10.73
N LEU B 300 -21.40 2.21 11.17
CA LEU B 300 -22.51 3.09 11.49
C LEU B 300 -22.97 3.92 10.26
N ARG B 301 -22.01 4.41 9.47
CA ARG B 301 -22.28 5.31 8.37
C ARG B 301 -21.29 5.07 7.25
N GLN B 302 -21.77 5.11 6.02
CA GLN B 302 -20.99 4.94 4.82
C GLN B 302 -21.42 6.05 3.87
N GLY B 303 -20.44 6.71 3.26
CA GLY B 303 -20.74 7.71 2.23
C GLY B 303 -19.62 8.70 2.00
N ASP B 304 -19.49 9.17 0.75
CA ASP B 304 -18.57 10.25 0.39
C ASP B 304 -17.13 9.84 0.69
N ASN B 305 -16.89 8.54 0.49
CA ASN B 305 -15.58 7.92 0.65
C ASN B 305 -15.06 7.95 2.06
N PHE B 306 -16.00 7.92 3.01
CA PHE B 306 -15.72 7.88 4.44
C PHE B 306 -16.55 6.74 4.99
N GLU B 307 -16.04 6.13 6.07
CA GLU B 307 -16.83 5.21 6.91
C GLU B 307 -16.64 5.55 8.36
N VAL B 308 -17.69 5.34 9.13
CA VAL B 308 -17.66 5.45 10.59
C VAL B 308 -18.08 4.08 11.12
N TRP B 309 -17.18 3.47 11.88
CA TRP B 309 -17.45 2.24 12.66
C TRP B 309 -17.33 2.61 14.15
N GLU B 310 -17.91 1.78 15.00
CA GLU B 310 -17.95 2.00 16.46
C GLU B 310 -18.20 0.64 17.13
N ARG B 311 -17.55 0.43 18.28
CA ARG B 311 -17.73 -0.76 19.12
C ARG B 311 -18.17 -0.41 20.55
N PRO B 312 -19.23 -1.08 21.05
CA PRO B 312 -19.61 -0.85 22.47
C PRO B 312 -18.65 -1.56 23.40
N LEU B 313 -18.24 -0.84 24.47
CA LEU B 313 -17.31 -1.41 25.43
C LEU B 313 -17.93 -1.52 26.84
N SER B 314 -17.21 -2.17 27.76
CA SER B 314 -17.69 -2.22 29.15
C SER B 314 -17.66 -0.83 29.70
N GLY B 315 -18.53 -0.59 30.65
CA GLY B 315 -18.48 0.61 31.42
C GLY B 315 -19.00 1.81 30.69
N LEU B 316 -19.85 1.56 29.69
CA LEU B 316 -20.50 2.62 28.91
C LEU B 316 -19.51 3.35 28.01
N ALA B 317 -18.44 2.68 27.63
CA ALA B 317 -17.46 3.31 26.82
C ALA B 317 -17.60 2.79 25.40
N TRP B 318 -17.10 3.59 24.44
CA TRP B 318 -17.18 3.29 23.03
C TRP B 318 -15.86 3.58 22.37
N ALA B 319 -15.55 2.70 21.41
CA ALA B 319 -14.52 2.95 20.37
C ALA B 319 -15.18 3.36 19.05
N VAL B 320 -14.59 4.42 18.49
CA VAL B 320 -15.06 4.97 17.23
C VAL B 320 -13.93 4.97 16.24
N ALA B 321 -14.19 4.44 15.04
CA ALA B 321 -13.19 4.51 13.96
C ALA B 321 -13.75 5.22 12.76
N MET B 322 -13.02 6.23 12.32
CA MET B 322 -13.31 6.87 11.02
C MET B 322 -12.27 6.50 9.93
N ILE B 323 -12.76 5.94 8.81
CA ILE B 323 -11.94 5.58 7.64
C ILE B 323 -12.12 6.57 6.51
N ASN B 324 -10.98 7.06 5.98
CA ASN B 324 -10.97 7.75 4.63
C ASN B 324 -10.68 6.79 3.48
N ARG B 325 -11.68 6.50 2.67
CA ARG B 325 -11.51 5.56 1.57
C ARG B 325 -11.08 6.20 0.21
N GLN B 326 -10.88 7.53 0.21
CA GLN B 326 -10.40 8.31 -0.93
C GLN B 326 -8.89 8.22 -0.97
N GLU B 327 -8.37 7.82 -2.13
CA GLU B 327 -6.97 7.44 -2.28
C GLU B 327 -6.26 8.43 -3.20
N ILE B 328 -6.65 9.70 -3.07
CA ILE B 328 -6.03 10.81 -3.76
C ILE B 328 -6.18 11.99 -2.80
N GLY B 329 -5.46 13.08 -2.98
CA GLY B 329 -5.51 14.25 -2.10
C GLY B 329 -4.75 14.01 -0.82
N GLY B 330 -5.23 14.66 0.26
CA GLY B 330 -4.65 14.63 1.59
C GLY B 330 -5.70 14.40 2.67
N PRO B 331 -5.34 14.70 3.93
CA PRO B 331 -6.18 14.45 5.10
C PRO B 331 -7.48 15.19 4.91
N ARG B 332 -8.58 14.47 5.09
CA ARG B 332 -9.89 15.03 4.82
C ARG B 332 -10.65 15.30 6.13
N SER B 333 -11.21 16.51 6.22
CA SER B 333 -12.03 16.95 7.33
C SER B 333 -13.32 16.10 7.45
N TYR B 334 -13.63 15.61 8.66
CA TYR B 334 -14.88 14.89 8.90
C TYR B 334 -15.44 15.36 10.22
N THR B 335 -16.71 15.75 10.24
CA THR B 335 -17.35 16.21 11.48
C THR B 335 -18.67 15.46 11.73
N ILE B 336 -18.88 15.12 12.99
CA ILE B 336 -20.10 14.44 13.43
C ILE B 336 -20.54 14.88 14.85
N ALA B 337 -21.86 14.87 15.03
CA ALA B 337 -22.53 15.09 16.31
C ALA B 337 -22.12 13.99 17.27
N VAL B 338 -21.62 14.43 18.40
CA VAL B 338 -21.22 13.51 19.41
C VAL B 338 -22.49 12.68 19.80
N ALA B 339 -23.68 13.30 19.78
CA ALA B 339 -24.89 12.53 20.10
C ALA B 339 -25.18 11.38 19.13
N SER B 340 -24.55 11.38 17.96
CA SER B 340 -24.81 10.33 16.94
C SER B 340 -24.06 9.01 17.20
N LEU B 341 -23.03 9.11 18.01
CA LEU B 341 -22.13 8.01 18.33
C LEU B 341 -22.59 7.28 19.61
N GLY B 342 -22.29 5.98 19.65
CA GLY B 342 -22.59 5.13 20.80
C GLY B 342 -24.04 5.13 21.19
N LYS B 343 -24.90 5.14 20.18
CA LYS B 343 -26.34 5.06 20.36
C LYS B 343 -26.88 6.15 21.31
N GLY B 344 -26.24 7.34 21.23
CA GLY B 344 -26.55 8.54 22.05
C GLY B 344 -26.20 8.39 23.52
N VAL B 345 -25.59 7.25 23.83
CA VAL B 345 -25.37 6.82 25.23
C VAL B 345 -23.96 7.27 25.69
N ALA B 346 -22.91 6.94 24.94
CA ALA B 346 -21.59 7.58 25.15
C ALA B 346 -21.84 9.07 25.08
N CYS B 347 -21.18 9.86 25.89
CA CYS B 347 -21.43 11.33 25.74
C CYS B 347 -22.76 11.90 26.24
N ASN B 348 -23.60 11.08 26.89
CA ASN B 348 -24.75 11.58 27.70
C ASN B 348 -24.45 11.50 29.22
N PRO B 349 -24.32 12.66 29.90
CA PRO B 349 -24.37 14.07 29.50
C PRO B 349 -23.05 14.57 28.87
N ALA B 350 -22.04 13.71 28.92
CA ALA B 350 -20.72 14.00 28.38
C ALA B 350 -19.88 12.72 28.25
N CYS B 351 -18.81 12.87 27.49
CA CYS B 351 -17.78 11.87 27.36
C CYS B 351 -16.44 12.59 27.21
N PHE B 352 -15.41 11.94 27.74
CA PHE B 352 -14.08 12.39 27.53
C PHE B 352 -13.54 11.57 26.33
N ILE B 353 -13.14 12.25 25.26
CA ILE B 353 -12.64 11.59 24.02
C ILE B 353 -11.12 11.63 23.97
N THR B 354 -10.50 10.46 23.84
CA THR B 354 -9.09 10.36 23.51
C THR B 354 -8.78 9.63 22.18
N GLN B 355 -8.15 10.35 21.24
CA GLN B 355 -7.61 9.72 20.07
C GLN B 355 -6.54 8.68 20.39
N LEU B 356 -6.72 7.45 19.94
CA LEU B 356 -5.66 6.45 20.05
C LEU B 356 -4.80 6.35 18.75
N LEU B 357 -5.45 6.55 17.60
CA LEU B 357 -4.77 6.31 16.36
C LEU B 357 -5.14 7.41 15.42
N PRO B 358 -4.19 7.86 14.53
CA PRO B 358 -2.84 7.28 14.35
C PRO B 358 -1.88 7.59 15.45
N VAL B 359 -2.10 8.66 16.22
CA VAL B 359 -1.26 8.94 17.42
C VAL B 359 -2.17 9.03 18.67
N LYS B 360 -1.61 8.82 19.85
CA LYS B 360 -2.33 8.90 21.11
C LYS B 360 -2.47 10.35 21.57
N ARG B 361 -3.72 10.82 21.71
CA ARG B 361 -3.97 12.22 22.07
C ARG B 361 -5.25 12.43 22.88
N LYS B 362 -5.08 12.94 24.10
CA LYS B 362 -6.22 13.40 24.87
C LYS B 362 -6.87 14.55 24.07
N LEU B 363 -8.12 14.36 23.70
CA LEU B 363 -8.97 15.42 23.14
C LEU B 363 -9.92 15.80 24.28
N GLY B 364 -10.53 16.97 24.28
CA GLY B 364 -11.27 17.36 25.55
C GLY B 364 -12.49 16.56 26.14
N PHE B 365 -13.26 17.22 27.02
CA PHE B 365 -14.63 16.81 27.34
C PHE B 365 -15.54 17.23 26.18
N TYR B 366 -16.51 16.39 25.83
CA TYR B 366 -17.49 16.74 24.81
C TYR B 366 -18.87 16.52 25.38
N GLU B 367 -19.68 17.59 25.39
CA GLU B 367 -21.08 17.50 25.87
C GLU B 367 -22.03 16.76 24.94
N TRP B 368 -23.13 16.26 25.47
CA TRP B 368 -24.04 15.50 24.63
C TRP B 368 -24.36 16.23 23.29
N THR B 369 -24.37 17.56 23.33
CA THR B 369 -24.82 18.36 22.20
C THR B 369 -23.65 18.76 21.25
N SER B 370 -22.41 18.44 21.68
CA SER B 370 -21.14 18.76 21.01
C SER B 370 -20.99 18.09 19.66
N ARG B 371 -20.10 18.67 18.85
CA ARG B 371 -19.60 18.10 17.58
C ARG B 371 -18.15 17.66 17.70
N LEU B 372 -17.86 16.50 17.17
CA LEU B 372 -16.43 16.16 16.98
C LEU B 372 -16.02 16.44 15.52
N ARG B 373 -15.06 17.34 15.35
CA ARG B 373 -14.40 17.58 14.06
C ARG B 373 -13.03 16.83 13.99
N SER B 374 -12.84 16.00 12.96
CA SER B 374 -11.54 15.33 12.77
C SER B 374 -11.01 15.41 11.36
N HIS B 375 -9.77 14.95 11.15
CA HIS B 375 -9.13 14.91 9.84
C HIS B 375 -8.46 13.56 9.64
N ILE B 376 -8.75 12.93 8.49
CA ILE B 376 -8.38 11.53 8.27
C ILE B 376 -7.57 11.38 6.97
N ASN B 377 -6.49 10.64 7.09
CA ASN B 377 -5.49 10.46 6.07
C ASN B 377 -6.06 9.53 5.02
N PRO B 378 -5.81 9.85 3.74
CA PRO B 378 -6.17 8.88 2.69
C PRO B 378 -5.79 7.39 3.04
N THR B 379 -6.80 6.52 3.10
CA THR B 379 -6.56 5.11 3.44
C THR B 379 -6.28 4.87 4.92
N GLY B 380 -6.17 5.95 5.70
CA GLY B 380 -5.96 5.90 7.14
C GLY B 380 -7.26 5.80 7.91
N THR B 381 -7.10 5.43 9.18
CA THR B 381 -8.22 5.47 10.11
C THR B 381 -7.84 6.30 11.34
N VAL B 382 -8.79 7.09 11.81
CA VAL B 382 -8.75 7.65 13.15
C VAL B 382 -9.56 6.88 14.24
N LEU B 383 -8.82 6.44 15.28
CA LEU B 383 -9.38 5.65 16.33
C LEU B 383 -9.56 6.38 17.68
N LEU B 384 -10.79 6.38 18.17
CA LEU B 384 -11.19 7.16 19.34
C LEU B 384 -11.79 6.26 20.45
N GLN B 385 -11.48 6.58 21.70
CA GLN B 385 -12.10 5.94 22.88
C GLN B 385 -12.94 7.07 23.52
N LEU B 386 -14.25 6.86 23.58
CA LEU B 386 -15.17 7.78 24.30
C LEU B 386 -15.44 7.18 25.70
N GLU B 387 -15.15 7.94 26.74
CA GLU B 387 -15.43 7.47 28.12
C GLU B 387 -16.67 8.21 28.61
N ASN B 388 -17.72 7.47 28.97
CA ASN B 388 -18.89 8.20 29.52
C ASN B 388 -18.58 8.92 30.88
N THR B 389 -19.06 10.16 31.02
CA THR B 389 -18.66 11.05 32.12
C THR B 389 -19.78 11.99 32.66
N MET B 390 -19.88 12.10 33.98
CA MET B 390 -20.76 13.05 34.66
C MET B 390 -20.17 14.46 34.51
N GLN B 391 -20.90 15.34 33.79
CA GLN B 391 -20.37 16.65 33.34
C GLN B 391 -21.42 17.67 32.80
C1 NAG C . 12.82 27.78 -31.19
C2 NAG C . 13.65 27.79 -29.92
C3 NAG C . 15.12 27.54 -30.18
C4 NAG C . 15.43 26.31 -31.02
C5 NAG C . 14.59 26.40 -32.29
C6 NAG C . 14.79 25.14 -33.11
C7 NAG C . 12.89 29.16 -28.01
C8 NAG C . 13.08 30.41 -27.19
N2 NAG C . 13.51 29.08 -29.22
O3 NAG C . 15.82 27.58 -28.95
O4 NAG C . 16.77 26.28 -31.47
O5 NAG C . 13.21 26.66 -32.01
O6 NAG C . 13.58 24.43 -33.29
O7 NAG C . 12.20 28.23 -27.53
C1 NAG C . 17.61 25.28 -30.86
C2 NAG C . 18.74 24.84 -31.82
C3 NAG C . 19.76 23.98 -31.07
C4 NAG C . 20.28 24.75 -29.88
C5 NAG C . 19.11 25.13 -28.96
C6 NAG C . 19.54 26.05 -27.85
C7 NAG C . 18.07 24.85 -34.24
C8 NAG C . 17.40 24.05 -35.32
N2 NAG C . 18.29 24.22 -33.08
O3 NAG C . 20.87 23.70 -31.88
O4 NAG C . 21.39 24.09 -29.25
O5 NAG C . 18.16 25.86 -29.70
O6 NAG C . 20.06 25.22 -26.85
O7 NAG C . 18.35 26.04 -34.49
C1 MAN C . 22.63 23.99 -28.74
C2 MAN C . 24.06 24.05 -28.11
C3 MAN C . 24.92 22.79 -28.37
C4 MAN C . 24.79 22.29 -29.82
C5 MAN C . 23.91 23.25 -30.63
C6 MAN C . 23.73 22.84 -32.08
O2 MAN C . 24.03 24.33 -26.70
O3 MAN C . 24.58 21.78 -27.41
O4 MAN C . 26.06 22.09 -30.50
O5 MAN C . 22.63 23.25 -29.98
O6 MAN C . 22.64 21.90 -32.17
C1 NAG D . 4.06 10.77 -38.72
C2 NAG D . 4.36 10.33 -40.15
C3 NAG D . 5.87 10.38 -40.37
C4 NAG D . 6.38 11.79 -40.05
C5 NAG D . 6.09 12.11 -38.57
C6 NAG D . 6.53 13.53 -38.17
C7 NAG D . 3.47 7.94 -39.72
C8 NAG D . 4.55 7.17 -39.00
N2 NAG D . 3.80 9.01 -40.48
O3 NAG D . 6.22 10.01 -41.68
O4 NAG D . 7.76 11.85 -40.36
O5 NAG D . 4.71 11.96 -38.28
O6 NAG D . 5.50 14.46 -38.37
O7 NAG D . 2.31 7.56 -39.65
C1 NAG D . 8.08 12.83 -41.38
C2 NAG D . 9.57 13.22 -41.30
C3 NAG D . 10.15 13.88 -42.59
C4 NAG D . 9.32 13.73 -43.88
C5 NAG D . 7.84 13.42 -43.67
C6 NAG D . 7.16 12.96 -44.96
C7 NAG D . 10.61 13.69 -39.08
C8 NAG D . 11.14 14.79 -38.22
N2 NAG D . 9.84 14.05 -40.13
O3 NAG D . 11.49 13.45 -42.81
O4 NAG D . 9.42 14.91 -44.64
O5 NAG D . 7.72 12.39 -42.69
O6 NAG D . 5.81 12.65 -44.71
O7 NAG D . 10.88 12.50 -38.82
C1 NAG E . -12.81 -39.34 0.93
C2 NAG E . -14.17 -38.65 0.73
C3 NAG E . -15.34 -39.64 0.69
C4 NAG E . -15.11 -40.81 -0.27
C5 NAG E . -13.68 -41.41 -0.18
C6 NAG E . -13.30 -42.18 -1.48
C7 NAG E . -14.54 -36.42 1.77
C8 NAG E . -14.59 -35.68 3.06
N2 NAG E . -14.36 -37.75 1.85
O3 NAG E . -16.57 -38.99 0.37
O4 NAG E . -16.09 -41.80 0.05
O5 NAG E . -12.64 -40.49 0.11
O6 NAG E . -13.42 -41.46 -2.71
O7 NAG E . -14.66 -35.80 0.72
C1 NAG E . -16.94 -42.07 -1.10
C2 NAG E . -17.39 -43.56 -1.19
C3 NAG E . -18.84 -43.85 -1.63
C4 NAG E . -19.75 -42.62 -1.51
C5 NAG E . -18.98 -41.44 -2.12
C6 NAG E . -19.79 -40.20 -2.46
C7 NAG E . -15.42 -44.95 -1.75
C8 NAG E . -14.49 -45.33 -2.85
N2 NAG E . -16.53 -44.31 -2.11
O3 NAG E . -19.38 -44.92 -0.88
O4 NAG E . -21.00 -42.88 -2.10
O5 NAG E . -17.98 -41.10 -1.18
O6 NAG E . -20.76 -39.99 -1.46
O7 NAG E . -15.15 -45.22 -0.56
C1 NAG F . -16.56 -30.45 27.10
C2 NAG F . -15.68 -29.38 27.74
C3 NAG F . -16.34 -28.82 28.99
C4 NAG F . -17.72 -28.28 28.65
C5 NAG F . -18.51 -29.43 28.01
C6 NAG F . -19.91 -29.09 27.50
C7 NAG F . -13.31 -29.60 27.30
C8 NAG F . -12.05 -30.36 27.63
N2 NAG F . -14.36 -29.91 28.06
O3 NAG F . -15.54 -27.80 29.58
O4 NAG F . -18.27 -27.85 29.88
O5 NAG F . -17.82 -29.86 26.86
O6 NAG F . -19.97 -27.74 27.10
O7 NAG F . -13.39 -28.76 26.38
C1 NAG F . -18.58 -26.44 30.00
C2 NAG F . -19.79 -26.37 30.93
C3 NAG F . -20.11 -24.99 31.48
C4 NAG F . -18.85 -24.30 32.02
C5 NAG F . -17.64 -24.47 31.06
C6 NAG F . -16.29 -24.18 31.68
C7 NAG F . -21.69 -27.83 30.98
C8 NAG F . -22.37 -28.91 30.17
N2 NAG F . -20.96 -26.95 30.31
O3 NAG F . -21.09 -25.16 32.48
O4 NAG F . -19.15 -22.92 32.30
O5 NAG F . -17.48 -25.79 30.58
O6 NAG F . -16.36 -23.07 32.55
O7 NAG F . -21.78 -27.79 32.21
C1 NAG G . -29.39 -22.99 13.23
C2 NAG G . -30.92 -22.98 13.32
C3 NAG G . -31.33 -22.85 14.80
C4 NAG G . -30.77 -24.03 15.58
C5 NAG G . -29.25 -23.95 15.44
C6 NAG G . -28.50 -25.00 16.27
C7 NAG G . -32.08 -22.42 11.31
C8 NAG G . -32.67 -21.39 10.37
N2 NAG G . -31.54 -22.00 12.45
O3 NAG G . -32.73 -22.71 14.94
O4 NAG G . -31.23 -23.96 16.93
O5 NAG G . -28.92 -24.06 14.05
O6 NAG G . -28.06 -26.08 15.48
O7 NAG G . -32.10 -23.61 11.02
C1 NAG G . -31.67 -25.21 17.51
C2 NAG G . -31.72 -25.03 19.04
C3 NAG G . -32.71 -25.89 19.83
C4 NAG G . -33.94 -26.30 19.01
C5 NAG G . -33.45 -26.81 17.65
C6 NAG G . -34.54 -27.48 16.79
C7 NAG G . -29.60 -24.13 19.85
C8 NAG G . -28.17 -24.46 20.17
N2 NAG G . -30.39 -25.19 19.61
O3 NAG G . -33.11 -25.17 20.99
O4 NAG G . -34.71 -27.26 19.72
O5 NAG G . -32.90 -25.69 16.94
O6 NAG G . -35.42 -26.50 16.30
O7 NAG G . -30.01 -22.95 19.82
S SO4 H . 18.49 -17.22 -17.63
O1 SO4 H . 18.01 -16.29 -18.63
O2 SO4 H . 19.21 -18.27 -18.36
O3 SO4 H . 19.30 -16.41 -16.71
O4 SO4 H . 17.47 -17.99 -16.95
C1 GLA I . -6.16 16.21 -15.64
C2 GLA I . -4.65 15.91 -15.66
C3 GLA I . -4.19 15.85 -14.19
C4 GLA I . -4.55 17.21 -13.58
C5 GLA I . -6.04 17.54 -13.70
C6 GLA I . -6.32 19.06 -13.47
O1 GLA I . -7.02 15.31 -14.98
O2 GLA I . -4.48 14.74 -16.49
O3 GLA I . -2.80 15.63 -13.97
O4 GLA I . -3.82 18.26 -14.16
O5 GLA I . -6.41 17.42 -14.99
O6 GLA I . -7.73 19.36 -13.41
C TAM J . -4.22 -1.09 -3.85
C1 TAM J . -5.66 -0.47 -4.11
C2 TAM J . -3.34 -0.63 -2.76
C3 TAM J . -4.21 -2.55 -4.01
C4 TAM J . -6.61 -1.58 -4.67
C5 TAM J . -3.05 0.86 -2.92
C6 TAM J . -3.14 -3.28 -3.28
N TAM J . -3.44 -0.48 -4.78
O4 TAM J . -7.73 -0.99 -5.29
O5 TAM J . -2.25 1.36 -1.85
O6 TAM J . -2.98 -4.47 -4.15
C1 NAG K . -15.04 25.42 -27.91
C2 NAG K . -14.52 24.45 -29.01
C3 NAG K . -14.95 24.74 -30.46
C4 NAG K . -16.34 25.44 -30.52
C5 NAG K . -16.82 26.23 -29.26
C6 NAG K . -18.30 26.69 -29.24
C7 NAG K . -12.64 22.90 -28.84
C8 NAG K . -11.20 22.64 -29.23
N2 NAG K . -13.08 24.17 -28.94
O3 NAG K . -14.88 23.55 -31.27
O4 NAG K . -16.20 26.36 -31.56
O5 NAG K . -16.45 25.58 -28.04
O6 NAG K . -19.23 25.70 -28.82
O7 NAG K . -13.36 21.97 -28.46
C1 NAG L . -18.37 24.75 -32.50
C2 NAG L . -18.85 23.72 -33.53
C3 NAG L . -18.74 24.18 -35.00
C4 NAG L . -19.01 25.69 -35.14
C5 NAG L . -18.04 26.43 -34.21
C6 NAG L . -17.98 27.94 -34.44
C7 NAG L . -18.67 21.31 -33.25
C8 NAG L . -18.12 20.24 -32.32
N2 NAG L . -18.09 22.51 -33.28
O3 NAG L . -19.63 23.49 -35.86
O4 NAG L . -18.90 26.08 -36.49
O5 NAG L . -18.49 26.12 -32.89
O6 NAG L . -18.35 28.65 -33.27
O7 NAG L . -19.63 21.03 -33.98
S SO4 M . -24.50 14.50 12.31
O1 SO4 M . -24.50 14.07 10.91
O2 SO4 M . -23.16 14.67 12.87
O3 SO4 M . -25.23 15.78 12.41
O4 SO4 M . -25.09 13.41 13.08
S SO4 N . -21.66 -21.05 23.00
O1 SO4 N . -22.07 -22.47 22.87
O2 SO4 N . -20.68 -20.69 22.00
O3 SO4 N . -22.81 -20.13 22.89
O4 SO4 N . -20.96 -20.79 24.26
S SO4 O . 1.40 -30.37 28.86
O1 SO4 O . 2.72 -29.75 28.69
O2 SO4 O . 1.41 -31.06 30.15
O3 SO4 O . 0.39 -29.29 28.85
O4 SO4 O . 1.16 -31.36 27.81
C1 MAN P . -18.44 -23.44 35.62
C2 MAN P . -18.53 -21.94 35.34
C3 MAN P . -19.92 -21.30 35.49
C4 MAN P . -21.11 -22.27 35.39
C5 MAN P . -20.77 -23.66 35.97
C6 MAN P . -21.96 -24.62 35.92
O2 MAN P . -18.04 -21.64 34.02
O3 MAN P . -20.05 -20.25 34.51
O4 MAN P . -22.27 -21.75 36.08
O5 MAN P . -19.62 -24.17 35.29
O6 MAN P . -22.94 -24.21 36.87
C1 MAN Q . -17.23 -19.07 35.50
C2 MAN Q . -15.93 -18.98 36.29
C3 MAN Q . -15.45 -17.52 36.51
C4 MAN Q . -15.65 -16.67 35.24
C5 MAN Q . -17.14 -16.73 34.92
C6 MAN Q . -17.64 -15.72 33.90
O2 MAN Q . -14.96 -19.81 35.65
O3 MAN Q . -14.10 -17.39 37.02
O4 MAN Q . -15.19 -15.33 35.43
O5 MAN Q . -17.37 -18.08 34.48
O6 MAN Q . -18.04 -16.40 32.70
C1 GLA R . -6.74 -22.37 3.70
C2 GLA R . -6.87 -21.29 4.76
C3 GLA R . -5.62 -20.44 4.80
C4 GLA R . -4.44 -21.37 5.04
C5 GLA R . -4.25 -22.31 3.86
C6 GLA R . -3.28 -23.48 4.20
O1 GLA R . -6.95 -21.77 2.46
O2 GLA R . -8.06 -20.53 4.45
O3 GLA R . -5.71 -19.42 5.82
O4 GLA R . -4.69 -22.24 6.14
O5 GLA R . -5.44 -22.99 3.52
O6 GLA R . -3.17 -24.39 3.07
#